data_9GB9
#
_entry.id   9GB9
#
_cell.length_a   59.920
_cell.length_b   59.990
_cell.length_c   103.740
_cell.angle_alpha   106.457
_cell.angle_beta   97.306
_cell.angle_gamma   106.638
#
_symmetry.space_group_name_H-M   'P 1'
#
loop_
_entity.id
_entity.type
_entity.pdbx_description
1 polymer 'LysM type receptor kinase'
2 non-polymer 1,2-ETHANEDIOL
3 non-polymer IMIDAZOLE
4 water water
#
_entity_poly.entity_id   1
_entity_poly.type   'polypeptide(L)'
_entity_poly.pdbx_seq_one_letter_code
;ITVDKSVEFSYDELATATDNFSLANKIGQGGFGSVYYAELRGERAAIKKMDMQASKEFLAELKVLTRVHHLNLVRLIGYS
IEGSLFLVYEFIENGNLSQHLRGSGRDPLPWATRVQIALDSARGLEYIHEHTVPVYIHRDIKSANILIDKNYRGKVANFG
LTKLTEVGSSSLPTGRLVGTFGYMPPEYAQYGDVSPKVDVYAFGVVLYELISAKDAIVKTSESITDSKGLVALFEGVLSQ
PDPTEDLRKLVDQRLGDNYPVDSVRKMAQLAKACTQDNPQLRPSMRSIVVALMTLSS
;
_entity_poly.pdbx_strand_id   A,B,C,D
#
loop_
_chem_comp.id
_chem_comp.type
_chem_comp.name
_chem_comp.formula
EDO non-polymer 1,2-ETHANEDIOL 'C2 H6 O2'
IMD non-polymer IMIDAZOLE 'C3 H5 N2 1'
#
# COMPACT_ATOMS: atom_id res chain seq x y z
N ASP A 4 -5.33 -25.18 19.90
CA ASP A 4 -6.53 -25.21 19.07
C ASP A 4 -6.16 -25.14 17.58
N LYS A 5 -6.98 -25.75 16.74
CA LYS A 5 -6.67 -25.82 15.32
C LYS A 5 -6.88 -24.50 14.58
N SER A 6 -7.56 -23.53 15.19
CA SER A 6 -7.59 -22.18 14.64
C SER A 6 -6.22 -21.52 14.71
N VAL A 7 -5.27 -22.13 15.41
CA VAL A 7 -3.93 -21.60 15.56
C VAL A 7 -2.91 -22.72 15.32
N GLU A 8 -3.41 -23.94 15.19
CA GLU A 8 -2.58 -25.10 14.88
C GLU A 8 -2.77 -25.48 13.42
N PHE A 9 -1.66 -25.63 12.71
CA PHE A 9 -1.67 -25.98 11.30
C PHE A 9 -1.12 -27.39 11.11
N SER A 10 -1.76 -28.16 10.23
CA SER A 10 -1.21 -29.44 9.83
C SER A 10 -0.04 -29.23 8.88
N TYR A 11 0.90 -30.19 8.88
CA TYR A 11 2.01 -30.12 7.95
C TYR A 11 1.52 -30.09 6.51
N ASP A 12 0.46 -30.86 6.21
CA ASP A 12 -0.06 -30.93 4.85
C ASP A 12 -0.59 -29.56 4.39
N GLU A 13 -1.28 -28.85 5.28
CA GLU A 13 -1.76 -27.52 4.94
C GLU A 13 -0.60 -26.58 4.60
N LEU A 14 0.51 -26.70 5.35
CA LEU A 14 1.67 -25.87 5.07
C LEU A 14 2.42 -26.34 3.83
N ALA A 15 2.54 -27.67 3.65
CA ALA A 15 3.22 -28.20 2.48
C ALA A 15 2.46 -27.88 1.20
N THR A 16 1.14 -28.06 1.22
CA THR A 16 0.33 -27.71 0.05
C THR A 16 0.45 -26.23 -0.27
N ALA A 17 0.48 -25.38 0.75
CA ALA A 17 0.55 -23.94 0.51
C ALA A 17 1.93 -23.49 0.05
N THR A 18 2.97 -24.30 0.28
CA THR A 18 4.34 -23.97 -0.12
C THR A 18 4.85 -24.85 -1.26
N ASP A 19 3.98 -25.65 -1.89
CA ASP A 19 4.37 -26.62 -2.91
C ASP A 19 5.47 -27.54 -2.39
N ASN A 20 5.18 -28.19 -1.26
CA ASN A 20 6.15 -28.98 -0.51
C ASN A 20 7.43 -28.19 -0.27
N PHE A 21 7.26 -26.94 0.19
CA PHE A 21 8.37 -26.07 0.57
C PHE A 21 9.35 -25.90 -0.58
N SER A 22 8.80 -25.52 -1.73
CA SER A 22 9.63 -25.29 -2.91
C SER A 22 10.59 -24.14 -2.66
N LEU A 23 11.80 -24.26 -3.22
CA LEU A 23 12.77 -23.18 -3.13
C LEU A 23 12.20 -21.89 -3.72
N ALA A 24 11.24 -21.99 -4.63
CA ALA A 24 10.63 -20.81 -5.23
C ALA A 24 9.90 -19.96 -4.19
N ASN A 25 9.38 -20.58 -3.14
CA ASN A 25 8.64 -19.85 -2.12
C ASN A 25 9.49 -19.42 -0.94
N LYS A 26 10.81 -19.60 -1.01
CA LYS A 26 11.67 -19.15 0.07
C LYS A 26 11.84 -17.64 0.03
N ILE A 27 11.74 -17.00 1.19
CA ILE A 27 11.90 -15.55 1.29
C ILE A 27 13.02 -15.15 2.23
N GLY A 28 13.60 -16.08 2.97
CA GLY A 28 14.69 -15.76 3.89
C GLY A 28 15.19 -16.98 4.63
N GLY A 33 18.27 -18.59 7.35
CA GLY A 33 16.93 -18.08 7.58
C GLY A 33 15.87 -19.15 7.54
N SER A 34 15.71 -19.77 6.37
CA SER A 34 14.74 -20.85 6.14
C SER A 34 13.30 -20.37 6.41
N VAL A 35 12.86 -19.40 5.61
CA VAL A 35 11.52 -18.84 5.72
C VAL A 35 10.81 -18.99 4.39
N TYR A 36 9.54 -19.40 4.43
CA TYR A 36 8.76 -19.65 3.24
C TYR A 36 7.49 -18.80 3.24
N TYR A 37 7.19 -18.21 2.09
CA TYR A 37 5.94 -17.49 1.95
C TYR A 37 4.81 -18.46 1.64
N ALA A 38 3.62 -18.16 2.18
CA ALA A 38 2.44 -18.95 1.89
C ALA A 38 1.21 -18.11 2.17
N GLU A 39 0.10 -18.46 1.51
CA GLU A 39 -1.20 -17.88 1.79
C GLU A 39 -2.02 -18.91 2.56
N LEU A 40 -2.26 -18.64 3.84
CA LEU A 40 -2.93 -19.59 4.72
C LEU A 40 -4.23 -18.97 5.23
N ARG A 41 -5.35 -19.62 4.93
CA ARG A 41 -6.67 -19.22 5.43
C ARG A 41 -6.92 -17.74 5.20
N GLY A 42 -6.63 -17.29 3.97
CA GLY A 42 -6.90 -15.91 3.60
C GLY A 42 -5.92 -14.90 4.15
N GLU A 43 -4.74 -15.32 4.58
CA GLU A 43 -3.77 -14.40 5.17
C GLU A 43 -2.39 -14.65 4.55
N ARG A 44 -1.69 -13.57 4.23
CA ARG A 44 -0.32 -13.69 3.76
C ARG A 44 0.59 -14.01 4.95
N ALA A 45 1.32 -15.11 4.86
CA ALA A 45 2.06 -15.62 6.00
C ALA A 45 3.51 -15.92 5.65
N ALA A 46 4.34 -15.98 6.68
CA ALA A 46 5.75 -16.35 6.57
C ALA A 46 5.98 -17.52 7.51
N ILE A 47 6.33 -18.67 6.93
CA ILE A 47 6.50 -19.91 7.67
C ILE A 47 7.98 -20.15 7.93
N LYS A 48 8.34 -20.38 9.20
CA LYS A 48 9.73 -20.62 9.59
C LYS A 48 9.86 -22.01 10.18
N LYS A 49 10.77 -22.81 9.62
CA LYS A 49 11.11 -24.11 10.18
C LYS A 49 12.08 -23.92 11.34
N MET A 50 11.68 -24.38 12.52
CA MET A 50 12.56 -24.41 13.69
C MET A 50 13.06 -25.84 13.86
N ASP A 51 14.39 -26.03 13.78
CA ASP A 51 14.99 -27.36 13.90
C ASP A 51 14.92 -27.81 15.36
N MET A 52 13.70 -28.13 15.79
CA MET A 52 13.41 -28.60 17.14
C MET A 52 11.94 -28.96 17.27
N GLN A 53 11.50 -29.23 18.50
CA GLN A 53 10.11 -29.50 18.86
C GLN A 53 10.04 -29.65 20.36
N ALA A 54 8.88 -29.31 20.94
CA ALA A 54 8.77 -29.31 22.39
C ALA A 54 7.32 -29.21 22.85
N SER A 55 6.84 -30.24 23.52
CA SER A 55 5.57 -30.17 24.24
C SER A 55 5.77 -29.68 25.66
N LYS A 56 6.88 -28.99 25.94
CA LYS A 56 7.04 -28.26 27.20
C LYS A 56 5.99 -27.17 27.27
N GLU A 57 6.01 -26.35 28.32
CA GLU A 57 5.09 -25.23 28.38
C GLU A 57 5.19 -24.32 27.16
N PHE A 58 6.27 -24.44 26.37
CA PHE A 58 6.41 -23.61 25.17
C PHE A 58 5.21 -23.74 24.26
N LEU A 59 4.64 -24.94 24.14
CA LEU A 59 3.38 -25.10 23.41
C LEU A 59 2.34 -24.14 23.94
N ALA A 60 2.13 -24.13 25.26
CA ALA A 60 1.21 -23.18 25.87
C ALA A 60 1.79 -21.77 25.85
N GLU A 61 3.11 -21.63 25.91
CA GLU A 61 3.72 -20.32 25.72
C GLU A 61 3.53 -19.83 24.30
N LEU A 62 3.53 -20.74 23.32
CA LEU A 62 3.18 -20.36 21.95
C LEU A 62 1.73 -19.92 21.87
N LYS A 63 0.85 -20.59 22.60
CA LYS A 63 -0.55 -20.19 22.63
C LYS A 63 -0.69 -18.74 23.08
N VAL A 64 -0.06 -18.39 24.21
CA VAL A 64 -0.15 -17.02 24.71
C VAL A 64 0.48 -16.05 23.72
N LEU A 65 1.54 -16.47 23.02
CA LEU A 65 2.16 -15.61 22.03
C LEU A 65 1.20 -15.27 20.90
N THR A 66 0.33 -16.22 20.52
CA THR A 66 -0.59 -15.95 19.42
C THR A 66 -1.66 -14.93 19.78
N ARG A 67 -1.89 -14.66 21.07
CA ARG A 67 -2.87 -13.65 21.44
C ARG A 67 -2.31 -12.23 21.42
N VAL A 68 -1.01 -12.06 21.23
CA VAL A 68 -0.44 -10.72 21.14
C VAL A 68 -0.85 -10.11 19.81
N HIS A 69 -1.50 -8.96 19.86
CA HIS A 69 -1.98 -8.29 18.65
C HIS A 69 -1.72 -6.79 18.80
N HIS A 70 -0.81 -6.29 17.98
CA HIS A 70 -0.40 -4.89 18.05
C HIS A 70 0.06 -4.46 16.67
N LEU A 71 -0.25 -3.22 16.29
CA LEU A 71 0.10 -2.77 14.95
C LEU A 71 1.60 -2.72 14.73
N ASN A 72 2.38 -2.65 15.80
CA ASN A 72 3.83 -2.51 15.71
C ASN A 72 4.57 -3.76 16.17
N LEU A 73 3.89 -4.92 16.18
CA LEU A 73 4.52 -6.20 16.44
C LEU A 73 4.10 -7.18 15.35
N VAL A 74 5.06 -7.97 14.87
CA VAL A 74 4.76 -9.03 13.91
C VAL A 74 3.95 -10.11 14.63
N ARG A 75 2.76 -10.39 14.13
CA ARG A 75 1.86 -11.30 14.82
C ARG A 75 2.23 -12.76 14.54
N LEU A 76 2.21 -13.57 15.60
CA LEU A 76 2.35 -15.02 15.45
C LEU A 76 0.98 -15.57 15.08
N ILE A 77 0.79 -15.90 13.80
CA ILE A 77 -0.50 -16.40 13.35
C ILE A 77 -0.80 -17.75 13.98
N GLY A 78 0.19 -18.61 14.04
CA GLY A 78 -0.05 -19.96 14.52
C GLY A 78 1.22 -20.79 14.45
N TYR A 79 1.03 -22.09 14.50
CA TYR A 79 2.17 -23.00 14.58
C TYR A 79 1.71 -24.39 14.14
N SER A 80 2.68 -25.30 14.08
CA SER A 80 2.41 -26.68 13.67
C SER A 80 3.21 -27.61 14.56
N ILE A 81 2.52 -28.54 15.22
CA ILE A 81 3.16 -29.54 16.06
C ILE A 81 2.88 -30.92 15.46
N GLU A 82 3.32 -31.15 14.23
CA GLU A 82 3.24 -32.47 13.62
C GLU A 82 4.59 -33.19 13.64
N GLY A 83 5.58 -32.63 14.33
CA GLY A 83 6.92 -33.17 14.31
C GLY A 83 7.91 -32.04 14.50
N SER A 84 8.47 -31.54 13.41
CA SER A 84 9.31 -30.35 13.50
C SER A 84 8.45 -29.14 13.83
N LEU A 85 9.03 -28.21 14.58
CA LEU A 85 8.32 -26.99 14.97
C LEU A 85 8.29 -26.02 13.81
N PHE A 86 7.09 -25.65 13.38
CA PHE A 86 6.88 -24.59 12.40
C PHE A 86 6.18 -23.43 13.08
N LEU A 87 6.74 -22.23 12.93
CA LEU A 87 6.11 -21.00 13.39
C LEU A 87 5.61 -20.26 12.16
N VAL A 88 4.34 -19.86 12.18
CA VAL A 88 3.76 -19.13 11.05
C VAL A 88 3.48 -17.70 11.51
N TYR A 89 4.00 -16.73 10.75
CA TYR A 89 3.91 -15.32 11.10
C TYR A 89 3.21 -14.57 9.97
N GLU A 90 2.64 -13.42 10.30
CA GLU A 90 2.15 -12.55 9.24
C GLU A 90 3.31 -12.11 8.37
N PHE A 91 3.07 -11.99 7.07
CA PHE A 91 4.11 -11.64 6.11
C PHE A 91 4.21 -10.12 6.00
N ILE A 92 5.40 -9.58 6.22
CA ILE A 92 5.65 -8.16 6.11
C ILE A 92 6.44 -7.93 4.83
N GLU A 93 5.91 -7.12 3.93
CA GLU A 93 6.30 -7.23 2.52
C GLU A 93 7.50 -6.36 2.11
N ASN A 94 7.98 -5.46 2.96
CA ASN A 94 8.97 -4.49 2.49
C ASN A 94 10.30 -4.59 3.26
N GLY A 95 10.73 -5.81 3.58
CA GLY A 95 12.06 -6.03 4.12
C GLY A 95 12.23 -5.61 5.58
N ASN A 96 13.49 -5.40 5.98
CA ASN A 96 13.77 -4.99 7.34
C ASN A 96 14.58 -3.69 7.33
N LEU A 97 14.67 -3.06 8.51
CA LEU A 97 15.26 -1.73 8.61
C LEU A 97 16.74 -1.76 8.22
N SER A 98 17.46 -2.82 8.58
CA SER A 98 18.87 -2.92 8.24
C SER A 98 19.09 -2.83 6.73
N GLN A 99 18.23 -3.50 5.96
CA GLN A 99 18.31 -3.44 4.51
C GLN A 99 18.00 -2.04 3.98
N HIS A 100 17.05 -1.34 4.59
CA HIS A 100 16.73 0.01 4.15
C HIS A 100 17.85 0.99 4.47
N LEU A 101 18.60 0.76 5.55
CA LEU A 101 19.66 1.69 5.95
C LEU A 101 20.95 1.45 5.19
N ARG A 102 21.28 0.18 4.92
CA ARG A 102 22.56 -0.19 4.34
C ARG A 102 22.48 -1.13 3.15
N GLY A 103 21.40 -1.88 2.99
CA GLY A 103 21.29 -2.77 1.85
C GLY A 103 21.20 -2.01 0.53
N SER A 104 21.62 -2.70 -0.53
CA SER A 104 21.65 -2.10 -1.85
C SER A 104 20.27 -2.15 -2.50
N GLY A 105 20.11 -1.35 -3.55
CA GLY A 105 18.92 -1.35 -4.35
C GLY A 105 17.79 -0.45 -3.87
N ARG A 106 17.82 -0.04 -2.60
CA ARG A 106 16.74 0.73 -2.02
C ARG A 106 17.11 2.20 -1.88
N ASP A 107 16.13 3.06 -2.11
CA ASP A 107 16.33 4.50 -1.90
C ASP A 107 16.54 4.77 -0.42
N PRO A 108 17.17 5.90 -0.08
CA PRO A 108 17.38 6.20 1.34
C PRO A 108 16.08 6.59 2.02
N LEU A 109 15.99 6.25 3.30
CA LEU A 109 14.81 6.63 4.08
C LEU A 109 14.85 8.11 4.38
N PRO A 110 13.79 8.86 4.10
CA PRO A 110 13.72 10.26 4.54
C PRO A 110 13.81 10.34 6.05
N TRP A 111 14.35 11.45 6.56
CA TRP A 111 14.45 11.62 8.00
C TRP A 111 13.10 11.45 8.68
N ALA A 112 12.04 12.04 8.09
CA ALA A 112 10.73 11.95 8.70
C ALA A 112 10.25 10.50 8.79
N THR A 113 10.57 9.70 7.78
CA THR A 113 10.21 8.29 7.82
C THR A 113 11.02 7.53 8.87
N ARG A 114 12.26 7.95 9.11
CA ARG A 114 13.07 7.29 10.13
C ARG A 114 12.51 7.56 11.52
N VAL A 115 12.01 8.77 11.76
CA VAL A 115 11.41 9.09 13.05
C VAL A 115 10.16 8.25 13.27
N GLN A 116 9.34 8.11 12.23
CA GLN A 116 8.11 7.33 12.37
C GLN A 116 8.42 5.86 12.66
N ILE A 117 9.45 5.33 12.02
CA ILE A 117 9.85 3.94 12.26
C ILE A 117 10.36 3.77 13.69
N ALA A 118 11.15 4.74 14.17
CA ALA A 118 11.60 4.70 15.56
C ALA A 118 10.41 4.76 16.52
N LEU A 119 9.45 5.64 16.26
CA LEU A 119 8.26 5.73 17.11
C LEU A 119 7.47 4.43 17.08
N ASP A 120 7.27 3.88 15.88
CA ASP A 120 6.55 2.60 15.74
C ASP A 120 7.23 1.50 16.55
N SER A 121 8.54 1.37 16.42
CA SER A 121 9.27 0.33 17.14
C SER A 121 9.19 0.53 18.64
N ALA A 122 9.31 1.78 19.10
CA ALA A 122 9.25 2.03 20.53
C ALA A 122 7.88 1.72 21.09
N ARG A 123 6.81 2.04 20.34
CA ARG A 123 5.46 1.72 20.81
C ARG A 123 5.29 0.22 20.96
N GLY A 124 5.81 -0.56 20.02
CA GLY A 124 5.77 -2.01 20.15
C GLY A 124 6.49 -2.50 21.40
N LEU A 125 7.68 -1.96 21.67
CA LEU A 125 8.42 -2.34 22.86
C LEU A 125 7.71 -1.90 24.12
N GLU A 126 7.16 -0.68 24.11
CA GLU A 126 6.40 -0.21 25.25
C GLU A 126 5.26 -1.18 25.57
N TYR A 127 4.61 -1.72 24.55
CA TYR A 127 3.49 -2.62 24.78
C TYR A 127 3.94 -3.92 25.46
N ILE A 128 5.02 -4.52 24.99
CA ILE A 128 5.43 -5.78 25.62
C ILE A 128 6.09 -5.54 26.98
N HIS A 129 6.67 -4.36 27.18
CA HIS A 129 7.29 -4.07 28.48
C HIS A 129 6.26 -3.82 29.57
N GLU A 130 5.13 -3.21 29.22
CA GLU A 130 4.20 -2.70 30.22
C GLU A 130 2.80 -3.28 30.18
N HIS A 131 2.35 -3.84 29.05
CA HIS A 131 0.92 -4.07 28.86
C HIS A 131 0.52 -5.50 28.53
N THR A 132 1.42 -6.32 27.98
CA THR A 132 1.06 -7.71 27.71
C THR A 132 0.92 -8.49 29.01
N VAL A 133 0.15 -9.57 28.95
CA VAL A 133 -0.02 -10.51 30.04
C VAL A 133 0.52 -11.86 29.56
N PRO A 134 1.72 -12.25 29.98
CA PRO A 134 2.66 -11.53 30.86
C PRO A 134 3.51 -10.50 30.11
N VAL A 135 4.23 -9.63 30.80
CA VAL A 135 5.16 -8.73 30.12
C VAL A 135 6.35 -9.54 29.61
N TYR A 136 6.95 -9.08 28.52
CA TYR A 136 8.12 -9.69 27.91
C TYR A 136 9.31 -8.75 27.97
N ILE A 137 10.51 -9.33 27.93
CA ILE A 137 11.73 -8.64 27.54
C ILE A 137 12.15 -9.28 26.22
N HIS A 138 12.35 -8.46 25.18
CA HIS A 138 12.65 -9.00 23.87
C HIS A 138 14.00 -9.71 23.86
N ARG A 139 15.05 -9.02 24.33
CA ARG A 139 16.41 -9.52 24.48
C ARG A 139 17.20 -9.65 23.18
N ASP A 140 16.58 -9.45 22.02
CA ASP A 140 17.33 -9.44 20.76
C ASP A 140 16.84 -8.31 19.83
N ILE A 141 16.74 -7.10 20.38
N ILE A 141 16.67 -7.11 20.39
CA ILE A 141 16.39 -5.94 19.58
CA ILE A 141 16.34 -5.94 19.56
C ILE A 141 17.58 -5.55 18.70
C ILE A 141 17.55 -5.59 18.71
N LYS A 142 17.29 -5.25 17.45
CA LYS A 142 18.30 -4.88 16.46
C LYS A 142 17.55 -4.43 15.21
N SER A 143 18.29 -3.77 14.30
CA SER A 143 17.64 -3.27 13.09
C SER A 143 17.10 -4.39 12.21
N ALA A 144 17.74 -5.56 12.24
CA ALA A 144 17.25 -6.66 11.42
C ALA A 144 15.93 -7.22 11.94
N ASN A 145 15.56 -6.93 13.19
CA ASN A 145 14.30 -7.39 13.77
C ASN A 145 13.21 -6.33 13.70
N ILE A 146 13.42 -5.27 12.94
CA ILE A 146 12.38 -4.26 12.69
C ILE A 146 11.99 -4.38 11.23
N LEU A 147 10.79 -4.88 10.98
CA LEU A 147 10.31 -5.13 9.63
C LEU A 147 9.46 -3.95 9.17
N ILE A 148 9.48 -3.72 7.86
CA ILE A 148 8.93 -2.52 7.24
C ILE A 148 7.85 -2.94 6.25
N ASP A 149 6.69 -2.28 6.30
CA ASP A 149 5.60 -2.60 5.39
C ASP A 149 5.63 -1.62 4.21
N LYS A 150 4.63 -1.75 3.33
CA LYS A 150 4.59 -0.93 2.11
C LYS A 150 4.42 0.55 2.42
N ASN A 151 3.81 0.88 3.56
CA ASN A 151 3.70 2.28 3.97
C ASN A 151 4.85 2.71 4.86
N TYR A 152 5.94 1.94 4.89
CA TYR A 152 7.14 2.26 5.66
C TYR A 152 6.86 2.38 7.16
N ARG A 153 5.85 1.67 7.66
CA ARG A 153 5.65 1.58 9.10
C ARG A 153 6.41 0.37 9.63
N GLY A 154 6.86 0.47 10.88
CA GLY A 154 7.72 -0.54 11.48
C GLY A 154 6.97 -1.51 12.38
N LYS A 155 7.43 -2.76 12.39
CA LYS A 155 6.90 -3.80 13.26
C LYS A 155 8.06 -4.59 13.84
N VAL A 156 8.03 -4.83 15.15
CA VAL A 156 9.10 -5.55 15.84
C VAL A 156 8.84 -7.05 15.73
N ALA A 157 9.87 -7.80 15.35
CA ALA A 157 9.74 -9.24 15.13
C ALA A 157 10.46 -10.02 16.22
N ASN A 158 10.01 -11.28 16.42
CA ASN A 158 10.81 -12.31 17.09
C ASN A 158 10.92 -12.10 18.60
N PHE A 159 9.89 -11.55 19.23
CA PHE A 159 9.92 -11.44 20.68
C PHE A 159 9.31 -12.68 21.31
N GLY A 160 9.68 -12.93 22.56
CA GLY A 160 9.23 -14.12 23.24
C GLY A 160 9.84 -15.42 22.74
N LEU A 161 10.86 -15.36 21.88
CA LEU A 161 11.47 -16.55 21.31
C LEU A 161 12.76 -16.95 22.01
N THR A 162 12.92 -16.56 23.28
CA THR A 162 14.21 -16.72 23.96
C THR A 162 14.45 -18.15 24.44
N LYS A 163 13.41 -18.83 24.93
CA LYS A 163 13.59 -20.19 25.43
C LYS A 163 14.17 -21.11 24.36
N LEU A 164 13.86 -20.84 23.08
CA LEU A 164 14.39 -21.66 22.00
C LEU A 164 15.91 -21.65 21.99
N THR A 165 16.51 -20.51 22.36
CA THR A 165 17.96 -20.39 22.38
C THR A 165 18.55 -20.91 23.69
N GLU A 166 18.07 -20.38 24.82
CA GLU A 166 18.64 -20.73 26.11
C GLU A 166 18.37 -22.19 26.47
N VAL A 167 17.18 -22.69 26.16
CA VAL A 167 16.79 -24.03 26.55
C VAL A 167 16.89 -24.99 25.37
N GLY A 175 28.76 -22.60 28.39
CA GLY A 175 27.91 -21.43 28.57
C GLY A 175 27.36 -20.89 27.28
N ARG A 176 26.19 -20.26 27.36
CA ARG A 176 25.51 -19.67 26.22
C ARG A 176 25.04 -18.27 26.58
N LEU A 177 24.71 -17.50 25.56
CA LEU A 177 24.11 -16.19 25.77
C LEU A 177 23.13 -15.92 24.65
N VAL A 178 22.03 -15.25 24.98
CA VAL A 178 21.10 -14.71 24.01
C VAL A 178 21.54 -13.30 23.69
N GLY A 179 21.54 -12.95 22.42
CA GLY A 179 21.85 -11.59 22.04
C GLY A 179 22.53 -11.54 20.69
N THR A 180 22.87 -10.32 20.29
CA THR A 180 23.57 -10.06 19.04
C THR A 180 24.69 -9.08 19.31
N PHE A 181 25.87 -9.37 18.77
CA PHE A 181 27.04 -8.52 18.97
C PHE A 181 26.73 -7.09 18.52
N GLY A 182 27.09 -6.13 19.37
CA GLY A 182 26.83 -4.73 19.09
C GLY A 182 25.58 -4.18 19.75
N TYR A 183 24.74 -5.03 20.33
CA TYR A 183 23.50 -4.59 20.94
C TYR A 183 23.39 -4.96 22.41
N MET A 184 24.42 -5.57 23.00
CA MET A 184 24.26 -6.01 24.37
C MET A 184 24.81 -4.95 25.32
N PRO A 185 24.11 -4.62 26.39
CA PRO A 185 24.59 -3.59 27.32
C PRO A 185 25.71 -4.12 28.21
N PRO A 186 26.49 -3.24 28.82
CA PRO A 186 27.64 -3.72 29.63
C PRO A 186 27.23 -4.65 30.76
N GLU A 187 26.13 -4.37 31.46
CA GLU A 187 25.77 -5.20 32.61
C GLU A 187 25.38 -6.62 32.18
N TYR A 188 24.89 -6.78 30.94
CA TYR A 188 24.57 -8.11 30.48
C TYR A 188 25.82 -8.85 30.02
N ALA A 189 26.63 -8.21 29.19
CA ALA A 189 27.86 -8.84 28.70
C ALA A 189 28.74 -9.29 29.86
N GLN A 190 28.82 -8.47 30.92
CA GLN A 190 29.78 -8.76 31.98
C GLN A 190 29.19 -9.58 33.13
N TYR A 191 27.89 -9.45 33.41
CA TYR A 191 27.29 -10.11 34.56
C TYR A 191 26.14 -11.04 34.21
N GLY A 192 25.60 -10.96 32.99
CA GLY A 192 24.42 -11.74 32.67
C GLY A 192 23.13 -11.16 33.20
N ASP A 193 23.15 -9.91 33.69
CA ASP A 193 21.95 -9.30 34.24
C ASP A 193 20.93 -9.04 33.14
N VAL A 194 19.68 -9.43 33.36
CA VAL A 194 18.61 -9.23 32.41
C VAL A 194 17.55 -8.35 33.05
N SER A 195 17.15 -7.30 32.33
CA SER A 195 16.07 -6.42 32.74
C SER A 195 15.52 -5.77 31.49
N PRO A 196 14.38 -5.05 31.59
CA PRO A 196 13.90 -4.32 30.40
C PRO A 196 14.90 -3.33 29.85
N LYS A 197 15.82 -2.84 30.69
CA LYS A 197 16.85 -1.91 30.24
C LYS A 197 17.80 -2.53 29.22
N VAL A 198 17.86 -3.85 29.13
CA VAL A 198 18.59 -4.50 28.04
C VAL A 198 18.00 -4.09 26.69
N ASP A 199 16.66 -4.02 26.62
CA ASP A 199 16.00 -3.63 25.37
C ASP A 199 16.19 -2.15 25.09
N VAL A 200 16.17 -1.33 26.14
CA VAL A 200 16.38 0.10 25.99
C VAL A 200 17.73 0.39 25.36
N TYR A 201 18.78 -0.28 25.87
CA TYR A 201 20.12 -0.10 25.32
C TYR A 201 20.15 -0.46 23.84
N ALA A 202 19.64 -1.64 23.49
CA ALA A 202 19.64 -2.05 22.10
C ALA A 202 18.86 -1.08 21.24
N PHE A 203 17.72 -0.59 21.74
CA PHE A 203 16.96 0.40 20.98
C PHE A 203 17.78 1.65 20.73
N GLY A 204 18.56 2.08 21.71
CA GLY A 204 19.47 3.20 21.49
C GLY A 204 20.40 2.95 20.31
N VAL A 205 20.95 1.74 20.19
CA VAL A 205 21.82 1.43 19.06
C VAL A 205 21.06 1.59 17.74
N VAL A 206 19.80 1.14 17.71
CA VAL A 206 18.97 1.33 16.52
C VAL A 206 18.82 2.81 16.20
N LEU A 207 18.62 3.64 17.22
CA LEU A 207 18.52 5.08 16.98
C LEU A 207 19.79 5.62 16.35
N TYR A 208 20.95 5.17 16.84
CA TYR A 208 22.22 5.55 16.23
C TYR A 208 22.31 5.06 14.78
N GLU A 209 21.82 3.85 14.51
CA GLU A 209 21.80 3.36 13.13
C GLU A 209 20.91 4.24 12.26
N LEU A 210 19.75 4.67 12.79
CA LEU A 210 18.88 5.53 11.99
C LEU A 210 19.56 6.84 11.64
N ILE A 211 20.33 7.39 12.58
CA ILE A 211 21.01 8.66 12.34
C ILE A 211 22.15 8.49 11.34
N SER A 212 22.98 7.46 11.56
CA SER A 212 24.22 7.30 10.82
C SER A 212 24.17 6.29 9.68
N ALA A 213 23.22 5.36 9.71
CA ALA A 213 23.17 4.24 8.77
C ALA A 213 24.42 3.37 8.86
N LYS A 214 25.20 3.50 9.92
CA LYS A 214 26.33 2.60 10.18
C LYS A 214 25.84 1.33 10.85
N ASP A 215 26.60 0.26 10.67
CA ASP A 215 26.30 -0.99 11.36
C ASP A 215 26.58 -0.85 12.85
N ALA A 216 25.89 -1.67 13.64
CA ALA A 216 26.14 -1.69 15.08
C ALA A 216 27.60 -2.05 15.37
N ILE A 217 28.21 -2.86 14.50
CA ILE A 217 29.65 -3.12 14.52
C ILE A 217 30.26 -2.30 13.40
N VAL A 218 31.30 -1.52 13.71
CA VAL A 218 31.96 -0.66 12.72
C VAL A 218 30.98 0.34 12.13
N SER A 227 35.72 -3.54 14.94
CA SER A 227 36.74 -2.51 15.11
C SER A 227 36.25 -1.41 16.06
N LYS A 228 35.12 -0.80 15.72
CA LYS A 228 34.53 0.23 16.56
C LYS A 228 33.03 0.00 16.66
N GLY A 229 32.48 0.32 17.83
CA GLY A 229 31.06 0.29 18.06
C GLY A 229 30.46 1.67 17.86
N LEU A 230 29.20 1.70 17.42
CA LEU A 230 28.51 2.97 17.20
C LEU A 230 28.43 3.77 18.49
N VAL A 231 28.16 3.10 19.61
CA VAL A 231 27.88 3.79 20.87
C VAL A 231 29.08 4.62 21.31
N ALA A 232 30.27 4.04 21.24
CA ALA A 232 31.47 4.78 21.64
C ALA A 232 31.76 5.93 20.70
N LEU A 233 31.49 5.75 19.40
CA LEU A 233 31.72 6.83 18.43
C LEU A 233 30.86 8.04 18.76
N PHE A 234 29.57 7.82 19.00
CA PHE A 234 28.68 8.93 19.33
C PHE A 234 28.97 9.51 20.70
N GLU A 235 29.37 8.65 21.66
CA GLU A 235 29.70 9.14 22.99
C GLU A 235 30.81 10.18 22.94
N GLY A 236 31.87 9.90 22.18
CA GLY A 236 32.95 10.86 22.06
C GLY A 236 32.52 12.14 21.36
N VAL A 237 31.64 12.01 20.37
CA VAL A 237 31.15 13.20 19.66
C VAL A 237 30.25 14.04 20.57
N LEU A 238 29.28 13.40 21.21
CA LEU A 238 28.34 14.10 22.08
C LEU A 238 29.00 14.63 23.35
N SER A 239 30.22 14.18 23.68
CA SER A 239 30.90 14.65 24.87
C SER A 239 31.54 16.03 24.69
N GLN A 240 31.42 16.62 23.51
CA GLN A 240 32.01 17.90 23.18
C GLN A 240 31.08 19.05 23.58
N PRO A 241 31.67 20.21 23.92
CA PRO A 241 30.81 21.38 24.19
C PRO A 241 29.86 21.70 23.05
N ASP A 242 30.37 21.75 21.82
CA ASP A 242 29.54 21.95 20.62
C ASP A 242 29.71 20.75 19.70
N PRO A 243 28.89 19.71 19.86
CA PRO A 243 29.04 18.51 19.02
C PRO A 243 28.46 18.65 17.63
N THR A 244 27.96 19.83 17.25
CA THR A 244 27.16 19.95 16.03
C THR A 244 27.98 19.64 14.79
N GLU A 245 29.20 20.15 14.71
CA GLU A 245 30.02 19.94 13.51
C GLU A 245 30.43 18.47 13.38
N ASP A 246 30.80 17.84 14.50
CA ASP A 246 31.15 16.43 14.45
C ASP A 246 29.91 15.56 14.30
N LEU A 247 28.77 16.00 14.82
CA LEU A 247 27.54 15.23 14.65
C LEU A 247 27.13 15.20 13.18
N ARG A 248 27.35 16.30 12.45
CA ARG A 248 26.98 16.32 11.04
C ARG A 248 27.79 15.31 10.24
N LYS A 249 29.07 15.11 10.59
CA LYS A 249 29.86 14.08 9.92
C LYS A 249 29.27 12.69 10.14
N LEU A 250 28.65 12.46 11.30
CA LEU A 250 28.10 11.14 11.60
C LEU A 250 26.75 10.90 10.94
N VAL A 251 26.05 11.94 10.48
CA VAL A 251 24.75 11.75 9.86
C VAL A 251 24.93 11.09 8.50
N ASP A 252 24.09 10.08 8.24
CA ASP A 252 23.99 9.39 6.96
C ASP A 252 24.15 10.33 5.78
N GLN A 253 25.17 10.10 4.97
CA GLN A 253 25.43 10.99 3.85
C GLN A 253 24.34 10.92 2.79
N ARG A 254 23.64 9.78 2.71
CA ARG A 254 22.55 9.66 1.73
C ARG A 254 21.41 10.62 2.03
N LEU A 255 21.27 11.08 3.28
CA LEU A 255 20.30 12.11 3.58
C LEU A 255 20.70 13.47 3.03
N GLY A 256 21.99 13.70 2.79
CA GLY A 256 22.43 15.03 2.38
C GLY A 256 22.16 16.04 3.48
N ASP A 257 21.76 17.24 3.08
CA ASP A 257 21.39 18.30 4.01
C ASP A 257 19.91 18.25 4.38
N ASN A 258 19.19 17.20 4.00
CA ASN A 258 17.74 17.16 4.18
C ASN A 258 17.40 16.51 5.52
N TYR A 259 17.66 17.26 6.58
CA TYR A 259 17.27 16.84 7.91
C TYR A 259 17.24 18.06 8.83
N PRO A 260 16.33 18.09 9.80
CA PRO A 260 16.36 19.17 10.81
C PRO A 260 17.46 18.88 11.83
N VAL A 261 18.35 19.85 12.03
CA VAL A 261 19.53 19.61 12.85
C VAL A 261 19.15 19.40 14.30
N ASP A 262 18.13 20.11 14.78
CA ASP A 262 17.73 19.94 16.18
C ASP A 262 17.06 18.60 16.42
N SER A 263 16.33 18.08 15.43
CA SER A 263 15.71 16.76 15.60
C SER A 263 16.77 15.67 15.69
N VAL A 264 17.80 15.75 14.85
CA VAL A 264 18.88 14.77 14.91
C VAL A 264 19.60 14.88 16.24
N ARG A 265 19.85 16.10 16.71
CA ARG A 265 20.48 16.30 18.01
C ARG A 265 19.65 15.67 19.13
N LYS A 266 18.34 15.93 19.12
CA LYS A 266 17.46 15.33 20.12
C LYS A 266 17.48 13.82 20.04
N MET A 267 17.46 13.25 18.84
CA MET A 267 17.49 11.79 18.75
C MET A 267 18.81 11.24 19.26
N ALA A 268 19.92 11.88 18.87
CA ALA A 268 21.25 11.44 19.32
C ALA A 268 21.35 11.48 20.84
N GLN A 269 20.89 12.57 21.45
CA GLN A 269 20.94 12.68 22.90
C GLN A 269 20.05 11.64 23.57
N LEU A 270 18.90 11.35 22.96
CA LEU A 270 18.05 10.28 23.47
C LEU A 270 18.74 8.93 23.38
N ALA A 271 19.37 8.65 22.24
CA ALA A 271 20.11 7.39 22.12
C ALA A 271 21.24 7.31 23.13
N LYS A 272 21.93 8.44 23.37
CA LYS A 272 22.99 8.46 24.38
C LYS A 272 22.44 8.10 25.75
N ALA A 273 21.29 8.69 26.13
CA ALA A 273 20.65 8.34 27.39
C ALA A 273 20.25 6.87 27.42
N CYS A 274 19.84 6.32 26.27
CA CYS A 274 19.44 4.91 26.20
C CYS A 274 20.62 3.97 26.37
N THR A 275 21.83 4.40 26.03
CA THR A 275 22.98 3.49 26.06
C THR A 275 23.97 3.78 27.19
N GLN A 276 23.54 4.51 28.22
CA GLN A 276 24.40 4.76 29.37
C GLN A 276 24.82 3.44 30.02
N ASP A 277 25.97 3.48 30.70
CA ASP A 277 26.48 2.30 31.41
C ASP A 277 25.51 1.85 32.48
N ASN A 278 24.99 2.78 33.27
CA ASN A 278 24.14 2.46 34.40
C ASN A 278 22.73 2.16 33.89
N PRO A 279 22.25 0.92 34.00
CA PRO A 279 20.91 0.62 33.48
C PRO A 279 19.80 1.37 34.20
N GLN A 280 19.98 1.67 35.50
CA GLN A 280 18.93 2.36 36.24
C GLN A 280 18.68 3.77 35.74
N LEU A 281 19.63 4.37 35.02
CA LEU A 281 19.47 5.73 34.55
C LEU A 281 18.97 5.80 33.11
N ARG A 282 18.95 4.69 32.38
CA ARG A 282 18.33 4.67 31.07
C ARG A 282 16.82 4.91 31.21
N PRO A 283 16.22 5.64 30.28
CA PRO A 283 14.78 5.89 30.35
C PRO A 283 13.96 4.63 30.07
N SER A 284 12.71 4.66 30.49
CA SER A 284 11.80 3.58 30.12
C SER A 284 11.28 3.80 28.70
N MET A 285 10.71 2.75 28.12
CA MET A 285 10.17 2.85 26.77
C MET A 285 9.04 3.88 26.70
N ARG A 286 8.27 4.01 27.79
CA ARG A 286 7.21 5.00 27.83
C ARG A 286 7.80 6.41 27.69
N SER A 287 8.89 6.70 28.42
CA SER A 287 9.53 8.00 28.28
C SER A 287 10.19 8.16 26.91
N ILE A 288 10.69 7.06 26.35
CA ILE A 288 11.27 7.10 25.01
C ILE A 288 10.20 7.49 23.99
N VAL A 289 9.00 6.91 24.10
CA VAL A 289 7.93 7.26 23.18
C VAL A 289 7.60 8.74 23.29
N VAL A 290 7.49 9.25 24.52
CA VAL A 290 7.15 10.66 24.70
C VAL A 290 8.18 11.55 24.00
N ALA A 291 9.46 11.25 24.18
CA ALA A 291 10.51 12.06 23.58
C ALA A 291 10.45 12.00 22.05
N LEU A 292 10.31 10.80 21.47
CA LEU A 292 10.27 10.68 20.02
C LEU A 292 9.10 11.43 19.42
N MET A 293 7.97 11.49 20.13
CA MET A 293 6.84 12.29 19.67
C MET A 293 7.15 13.78 19.68
N THR A 294 8.12 14.21 20.48
CA THR A 294 8.55 15.61 20.49
C THR A 294 9.43 15.91 19.28
N LEU A 295 10.50 15.14 19.11
CA LEU A 295 11.36 15.28 17.95
C LEU A 295 10.71 14.57 16.77
N SER A 296 9.40 14.71 16.65
CA SER A 296 8.66 13.97 15.63
C SER A 296 8.92 14.57 14.26
N SER A 297 8.01 14.32 13.32
CA SER A 297 8.26 14.66 11.94
C SER A 297 6.98 15.03 11.21
N ASP B 4 24.30 0.50 -21.78
CA ASP B 4 24.95 -0.18 -22.89
C ASP B 4 25.91 0.74 -23.62
N LYS B 5 27.01 0.17 -24.13
CA LYS B 5 27.91 0.96 -24.96
C LYS B 5 27.25 1.31 -26.30
N SER B 6 26.31 0.49 -26.76
CA SER B 6 25.54 0.84 -27.95
C SER B 6 24.70 2.09 -27.72
N VAL B 7 24.47 2.47 -26.46
CA VAL B 7 23.68 3.65 -26.13
C VAL B 7 24.55 4.88 -25.84
N GLU B 8 25.82 4.70 -25.51
CA GLU B 8 26.69 5.82 -25.14
C GLU B 8 27.60 6.23 -26.30
N PHE B 9 27.75 7.54 -26.50
CA PHE B 9 28.63 8.11 -27.52
C PHE B 9 29.66 9.03 -26.89
N SER B 10 30.88 9.00 -27.40
CA SER B 10 31.93 9.90 -26.96
C SER B 10 31.81 11.23 -27.70
N TYR B 11 32.38 12.29 -27.11
CA TYR B 11 32.39 13.57 -27.82
C TYR B 11 33.02 13.41 -29.19
N ASP B 12 34.17 12.72 -29.27
N ASP B 12 34.17 12.74 -29.28
CA ASP B 12 34.88 12.63 -30.54
CA ASP B 12 34.87 12.64 -30.56
C ASP B 12 34.03 11.95 -31.61
C ASP B 12 34.00 11.97 -31.62
N GLU B 13 33.24 10.94 -31.22
CA GLU B 13 32.36 10.28 -32.18
C GLU B 13 31.35 11.25 -32.77
N LEU B 14 30.75 12.08 -31.93
CA LEU B 14 29.75 13.02 -32.43
C LEU B 14 30.40 14.14 -33.25
N ALA B 15 31.57 14.62 -32.81
CA ALA B 15 32.29 15.64 -33.57
C ALA B 15 32.67 15.12 -34.96
N THR B 16 33.28 13.94 -35.01
CA THR B 16 33.66 13.34 -36.29
C THR B 16 32.47 13.24 -37.24
N ALA B 17 31.35 12.73 -36.74
CA ALA B 17 30.20 12.48 -37.61
C ALA B 17 29.53 13.74 -38.11
N THR B 18 29.85 14.92 -37.53
CA THR B 18 29.27 16.20 -37.91
C THR B 18 30.30 17.19 -38.45
N ASP B 19 31.50 16.73 -38.80
CA ASP B 19 32.58 17.58 -39.29
C ASP B 19 32.89 18.68 -38.27
N ASN B 20 33.03 18.25 -37.01
CA ASN B 20 33.25 19.15 -35.88
C ASN B 20 32.10 20.17 -35.76
N PHE B 21 30.87 19.67 -35.88
CA PHE B 21 29.66 20.49 -35.72
C PHE B 21 29.65 21.67 -36.69
N SER B 22 29.97 21.37 -37.95
CA SER B 22 29.99 22.37 -39.00
C SER B 22 28.57 22.82 -39.35
N LEU B 23 28.45 24.08 -39.78
CA LEU B 23 27.15 24.77 -39.80
C LEU B 23 26.14 24.11 -40.73
N ALA B 24 26.57 23.67 -41.90
CA ALA B 24 25.60 23.17 -42.87
C ALA B 24 25.11 21.76 -42.54
N ASN B 25 25.66 21.10 -41.51
CA ASN B 25 25.08 19.86 -41.06
C ASN B 25 23.94 20.08 -40.08
N LYS B 26 23.60 21.33 -39.78
CA LYS B 26 22.43 21.60 -38.94
C LYS B 26 21.17 21.21 -39.67
N ILE B 27 20.20 20.68 -38.93
CA ILE B 27 18.88 20.42 -39.46
C ILE B 27 17.93 21.43 -38.84
N GLY B 28 17.20 22.15 -39.68
CA GLY B 28 16.37 23.25 -39.25
C GLY B 28 17.13 24.56 -39.07
N GLY B 33 18.31 25.72 -33.09
CA GLY B 33 17.89 24.69 -32.15
C GLY B 33 19.03 23.80 -31.74
N SER B 34 20.18 24.01 -32.38
CA SER B 34 21.41 23.25 -32.13
C SER B 34 21.20 21.74 -32.33
N VAL B 35 20.64 21.38 -33.49
CA VAL B 35 20.40 19.99 -33.86
C VAL B 35 21.17 19.69 -35.15
N TYR B 36 21.97 18.63 -35.14
CA TYR B 36 22.84 18.26 -36.26
C TYR B 36 22.47 16.90 -36.81
N TYR B 37 22.51 16.79 -38.13
CA TYR B 37 22.40 15.49 -38.79
C TYR B 37 23.70 14.71 -38.65
N ALA B 38 23.58 13.39 -38.56
CA ALA B 38 24.76 12.54 -38.55
C ALA B 38 24.35 11.11 -38.84
N GLU B 39 25.29 10.33 -39.36
CA GLU B 39 25.14 8.89 -39.46
C GLU B 39 26.05 8.27 -38.40
N LEU B 40 25.44 7.56 -37.46
CA LEU B 40 26.14 7.00 -36.31
C LEU B 40 25.86 5.51 -36.25
N ARG B 41 26.92 4.71 -36.37
CA ARG B 41 26.83 3.26 -36.27
C ARG B 41 25.75 2.71 -37.18
N GLY B 42 25.68 3.26 -38.39
CA GLY B 42 24.77 2.76 -39.41
C GLY B 42 23.39 3.35 -39.38
N GLU B 43 23.11 4.30 -38.50
CA GLU B 43 21.77 4.87 -38.36
C GLU B 43 21.80 6.36 -38.67
N ARG B 44 20.77 6.84 -39.36
CA ARG B 44 20.58 8.27 -39.51
C ARG B 44 20.06 8.84 -38.20
N ALA B 45 20.67 9.94 -37.76
CA ALA B 45 20.49 10.42 -36.40
C ALA B 45 20.42 11.93 -36.38
N ALA B 46 19.74 12.47 -35.37
CA ALA B 46 19.72 13.90 -35.08
C ALA B 46 20.38 14.10 -33.72
N ILE B 47 21.42 14.93 -33.67
CA ILE B 47 22.16 15.19 -32.45
C ILE B 47 21.75 16.56 -31.92
N LYS B 48 21.23 16.60 -30.71
CA LYS B 48 20.83 17.85 -30.07
C LYS B 48 21.83 18.15 -28.96
N LYS B 49 22.53 19.26 -29.09
CA LYS B 49 23.46 19.69 -28.04
C LYS B 49 22.68 20.42 -26.97
N MET B 50 22.62 19.82 -25.79
CA MET B 50 22.09 20.49 -24.61
C MET B 50 23.26 21.19 -23.92
N ASP B 51 23.17 22.51 -23.82
CA ASP B 51 24.26 23.29 -23.23
C ASP B 51 24.28 23.21 -21.71
N MET B 52 23.95 22.04 -21.16
CA MET B 52 23.93 21.81 -19.72
C MET B 52 24.59 20.46 -19.45
N GLN B 53 24.75 20.14 -18.17
CA GLN B 53 25.26 18.85 -17.76
C GLN B 53 24.21 18.11 -16.95
N ALA B 54 24.06 16.82 -17.23
CA ALA B 54 23.05 15.98 -16.59
C ALA B 54 23.65 15.14 -15.48
N SER B 55 22.85 14.91 -14.44
CA SER B 55 23.31 14.15 -13.29
C SER B 55 23.31 12.65 -13.60
N LYS B 56 23.92 11.87 -12.70
CA LYS B 56 23.91 10.43 -12.85
C LYS B 56 22.51 9.85 -12.73
N GLU B 57 21.62 10.54 -12.00
CA GLU B 57 20.24 10.09 -11.89
C GLU B 57 19.50 10.25 -13.22
N PHE B 58 19.58 11.45 -13.82
CA PHE B 58 18.98 11.63 -15.13
C PHE B 58 19.65 10.74 -16.17
N LEU B 59 20.91 10.38 -15.95
CA LEU B 59 21.58 9.42 -16.83
C LEU B 59 20.86 8.09 -16.84
N ALA B 60 20.52 7.58 -15.64
CA ALA B 60 19.80 6.31 -15.55
C ALA B 60 18.40 6.41 -16.16
N GLU B 61 17.76 7.58 -16.06
CA GLU B 61 16.48 7.76 -16.72
C GLU B 61 16.63 7.80 -18.23
N LEU B 62 17.75 8.32 -18.73
CA LEU B 62 17.99 8.29 -20.16
C LEU B 62 18.17 6.87 -20.66
N LYS B 63 18.85 6.02 -19.88
CA LYS B 63 18.97 4.61 -20.25
C LYS B 63 17.61 3.96 -20.45
N VAL B 64 16.69 4.20 -19.52
CA VAL B 64 15.34 3.66 -19.65
C VAL B 64 14.68 4.19 -20.92
N LEU B 65 14.84 5.49 -21.20
CA LEU B 65 14.21 6.09 -22.37
C LEU B 65 14.70 5.45 -23.66
N THR B 66 15.95 4.98 -23.71
CA THR B 66 16.40 4.32 -24.93
C THR B 66 15.66 3.02 -25.20
N ARG B 67 15.10 2.38 -24.17
CA ARG B 67 14.36 1.14 -24.38
C ARG B 67 12.97 1.35 -24.97
N VAL B 68 12.47 2.59 -25.00
CA VAL B 68 11.15 2.83 -25.54
C VAL B 68 11.21 2.76 -27.05
N HIS B 69 10.41 1.88 -27.63
CA HIS B 69 10.36 1.70 -29.08
C HIS B 69 8.90 1.58 -29.49
N HIS B 70 8.46 2.46 -30.39
CA HIS B 70 7.08 2.52 -30.83
C HIS B 70 7.07 3.24 -32.17
N LEU B 71 6.24 2.76 -33.09
CA LEU B 71 6.21 3.38 -34.42
C LEU B 71 5.80 4.85 -34.38
N ASN B 72 5.13 5.29 -33.33
CA ASN B 72 4.65 6.67 -33.30
C ASN B 72 5.34 7.51 -32.22
N LEU B 73 6.55 7.12 -31.82
CA LEU B 73 7.40 7.92 -30.94
C LEU B 73 8.80 8.01 -31.53
N VAL B 74 9.41 9.18 -31.43
CA VAL B 74 10.79 9.33 -31.89
C VAL B 74 11.71 8.65 -30.87
N ARG B 75 12.51 7.70 -31.33
CA ARG B 75 13.32 6.89 -30.45
C ARG B 75 14.58 7.63 -30.03
N LEU B 76 14.92 7.53 -28.76
CA LEU B 76 16.21 8.01 -28.27
C LEU B 76 17.26 6.93 -28.55
N ILE B 77 18.14 7.19 -29.52
CA ILE B 77 19.21 6.23 -29.84
C ILE B 77 20.23 6.19 -28.71
N GLY B 78 20.56 7.34 -28.13
CA GLY B 78 21.54 7.34 -27.06
C GLY B 78 21.94 8.75 -26.66
N TYR B 79 23.14 8.86 -26.11
CA TYR B 79 23.54 10.12 -25.51
C TYR B 79 25.04 10.11 -25.26
N SER B 80 25.57 11.30 -25.03
CA SER B 80 26.94 11.48 -24.57
C SER B 80 26.87 12.06 -23.18
N ILE B 81 27.41 11.32 -22.20
CA ILE B 81 27.22 11.62 -20.78
C ILE B 81 28.42 12.29 -20.14
N GLU B 82 29.54 12.40 -20.84
CA GLU B 82 30.69 13.14 -20.35
C GLU B 82 30.66 14.55 -20.92
N GLY B 83 31.07 15.52 -20.10
CA GLY B 83 31.01 16.90 -20.53
C GLY B 83 29.58 17.35 -20.72
N SER B 84 29.35 18.16 -21.74
CA SER B 84 28.02 18.65 -22.03
C SER B 84 27.16 17.50 -22.54
N LEU B 85 25.88 17.53 -22.16
CA LEU B 85 24.96 16.49 -22.57
C LEU B 85 24.55 16.67 -24.02
N PHE B 86 24.68 15.60 -24.80
CA PHE B 86 24.11 15.49 -26.14
C PHE B 86 23.08 14.38 -26.12
N LEU B 87 21.90 14.65 -26.69
CA LEU B 87 20.89 13.63 -26.95
C LEU B 87 20.93 13.23 -28.42
N VAL B 88 20.86 11.93 -28.68
CA VAL B 88 20.95 11.38 -30.04
C VAL B 88 19.63 10.67 -30.34
N TYR B 89 18.85 11.21 -31.26
CA TYR B 89 17.57 10.66 -31.66
C TYR B 89 17.64 10.09 -33.06
N GLU B 90 16.71 9.18 -33.37
CA GLU B 90 16.54 8.78 -34.76
C GLU B 90 16.11 9.99 -35.59
N PHE B 91 16.65 10.07 -36.80
CA PHE B 91 16.36 11.17 -37.72
C PHE B 91 15.02 10.92 -38.40
N ILE B 92 14.11 11.90 -38.33
CA ILE B 92 12.80 11.81 -38.97
C ILE B 92 12.80 12.81 -40.12
N GLU B 93 12.72 12.28 -41.35
CA GLU B 93 13.21 13.01 -42.52
C GLU B 93 12.31 14.13 -43.02
N ASN B 94 11.02 14.17 -42.63
CA ASN B 94 10.10 15.12 -43.24
C ASN B 94 9.64 16.21 -42.26
N GLY B 95 10.50 16.56 -41.30
CA GLY B 95 10.25 17.77 -40.51
C GLY B 95 9.18 17.57 -39.44
N ASN B 96 8.51 18.67 -39.10
CA ASN B 96 7.48 18.59 -38.08
C ASN B 96 6.15 19.09 -38.63
N LEU B 97 5.10 18.85 -37.84
CA LEU B 97 3.73 19.15 -38.28
C LEU B 97 3.51 20.64 -38.46
N SER B 98 4.12 21.48 -37.61
N SER B 98 4.13 21.48 -37.63
CA SER B 98 4.01 22.93 -37.77
CA SER B 98 3.97 22.92 -37.78
C SER B 98 4.43 23.36 -39.16
C SER B 98 4.43 23.38 -39.16
N GLN B 99 5.55 22.81 -39.64
CA GLN B 99 6.10 23.23 -40.93
C GLN B 99 5.18 22.87 -42.10
N HIS B 100 4.56 21.70 -42.03
CA HIS B 100 3.64 21.31 -43.10
C HIS B 100 2.34 22.13 -43.06
N LEU B 101 1.87 22.50 -41.87
CA LEU B 101 0.64 23.28 -41.78
C LEU B 101 0.85 24.74 -42.18
N ARG B 102 1.99 25.33 -41.81
CA ARG B 102 2.21 26.76 -41.97
C ARG B 102 3.19 27.11 -43.08
N GLY B 103 3.85 26.14 -43.66
CA GLY B 103 4.97 26.41 -44.53
C GLY B 103 4.58 26.62 -45.98
N SER B 104 5.50 27.26 -46.71
CA SER B 104 5.37 27.55 -48.12
C SER B 104 6.18 26.55 -48.94
N GLY B 105 5.87 26.50 -50.23
CA GLY B 105 6.62 25.67 -51.16
C GLY B 105 6.24 24.21 -51.19
N ARG B 106 5.27 23.78 -50.38
CA ARG B 106 4.80 22.41 -50.38
C ARG B 106 3.28 22.39 -50.50
N ASP B 107 2.78 21.35 -51.17
CA ASP B 107 1.34 21.17 -51.25
C ASP B 107 0.76 21.00 -49.83
N PRO B 108 -0.49 21.39 -49.63
CA PRO B 108 -1.08 21.25 -48.29
C PRO B 108 -1.36 19.80 -47.95
N LEU B 109 -1.40 19.53 -46.67
CA LEU B 109 -1.76 18.20 -46.21
C LEU B 109 -3.21 17.92 -46.55
N PRO B 110 -3.52 16.85 -47.27
CA PRO B 110 -4.93 16.49 -47.50
C PRO B 110 -5.60 16.14 -46.18
N TRP B 111 -6.93 16.27 -46.17
CA TRP B 111 -7.68 16.00 -44.95
C TRP B 111 -7.41 14.57 -44.42
N ALA B 112 -7.44 13.58 -45.32
CA ALA B 112 -7.23 12.21 -44.87
C ALA B 112 -5.84 12.04 -44.24
N THR B 113 -4.85 12.77 -44.73
CA THR B 113 -3.52 12.69 -44.15
C THR B 113 -3.47 13.35 -42.77
N ARG B 114 -4.25 14.42 -42.58
CA ARG B 114 -4.30 15.05 -41.26
C ARG B 114 -4.91 14.10 -40.24
N VAL B 115 -5.99 13.41 -40.61
CA VAL B 115 -6.59 12.42 -39.72
C VAL B 115 -5.57 11.36 -39.32
N GLN B 116 -4.77 10.90 -40.28
CA GLN B 116 -3.82 9.83 -39.96
C GLN B 116 -2.71 10.32 -39.05
N ILE B 117 -2.26 11.56 -39.24
CA ILE B 117 -1.27 12.15 -38.34
C ILE B 117 -1.85 12.31 -36.93
N ALA B 118 -3.10 12.77 -36.83
CA ALA B 118 -3.75 12.84 -35.52
C ALA B 118 -3.85 11.47 -34.89
N LEU B 119 -4.25 10.45 -35.66
CA LEU B 119 -4.35 9.09 -35.12
C LEU B 119 -2.99 8.59 -34.67
N ASP B 120 -1.95 8.80 -35.51
CA ASP B 120 -0.59 8.38 -35.16
C ASP B 120 -0.13 9.02 -33.85
N SER B 121 -0.29 10.35 -33.75
CA SER B 121 0.16 11.07 -32.57
C SER B 121 -0.58 10.61 -31.32
N ALA B 122 -1.90 10.41 -31.44
CA ALA B 122 -2.71 9.93 -30.33
C ALA B 122 -2.27 8.55 -29.87
N ARG B 123 -1.93 7.67 -30.82
CA ARG B 123 -1.49 6.33 -30.47
C ARG B 123 -0.16 6.37 -29.72
N GLY B 124 0.76 7.23 -30.16
CA GLY B 124 2.01 7.40 -29.42
C GLY B 124 1.78 7.91 -28.00
N LEU B 125 0.89 8.89 -27.84
CA LEU B 125 0.56 9.41 -26.51
C LEU B 125 -0.13 8.36 -25.65
N GLU B 126 -1.07 7.60 -26.24
CA GLU B 126 -1.69 6.51 -25.49
C GLU B 126 -0.64 5.56 -24.94
N TYR B 127 0.41 5.29 -25.72
CA TYR B 127 1.42 4.33 -25.31
C TYR B 127 2.17 4.82 -24.08
N ILE B 128 2.63 6.07 -24.08
CA ILE B 128 3.35 6.54 -22.91
C ILE B 128 2.41 6.85 -21.74
N HIS B 129 1.12 7.11 -21.99
CA HIS B 129 0.20 7.29 -20.88
C HIS B 129 -0.15 5.99 -20.18
N GLU B 130 -0.19 4.88 -20.90
CA GLU B 130 -0.78 3.65 -20.36
C GLU B 130 0.15 2.44 -20.32
N HIS B 131 1.12 2.33 -21.22
CA HIS B 131 1.77 1.04 -21.45
C HIS B 131 3.27 1.02 -21.17
N THR B 132 3.94 2.16 -21.11
CA THR B 132 5.38 2.11 -20.88
C THR B 132 5.66 1.91 -19.39
N VAL B 133 6.87 1.45 -19.11
CA VAL B 133 7.37 1.20 -17.77
C VAL B 133 8.57 2.11 -17.55
N PRO B 134 8.40 3.22 -16.84
CA PRO B 134 7.17 3.72 -16.23
C PRO B 134 6.32 4.46 -17.24
N VAL B 135 5.17 4.96 -16.80
N VAL B 135 5.11 4.89 -16.85
CA VAL B 135 4.31 5.79 -17.63
CA VAL B 135 4.34 5.77 -17.72
C VAL B 135 4.77 7.25 -17.55
C VAL B 135 4.90 7.18 -17.63
N TYR B 136 4.64 7.97 -18.66
CA TYR B 136 5.11 9.35 -18.75
C TYR B 136 3.94 10.29 -18.98
N ILE B 137 4.06 11.50 -18.45
CA ILE B 137 3.30 12.65 -18.92
C ILE B 137 4.25 13.49 -19.77
N HIS B 138 3.87 13.76 -21.02
CA HIS B 138 4.78 14.46 -21.92
C HIS B 138 5.06 15.88 -21.42
N ARG B 139 4.00 16.66 -21.25
CA ARG B 139 3.97 18.02 -20.69
C ARG B 139 4.43 19.09 -21.69
N ASP B 140 4.85 18.73 -22.90
CA ASP B 140 5.16 19.75 -23.91
C ASP B 140 4.63 19.32 -25.27
N ILE B 141 3.43 18.75 -25.32
CA ILE B 141 2.82 18.41 -26.61
C ILE B 141 2.52 19.70 -27.37
N LYS B 142 2.81 19.70 -28.67
CA LYS B 142 2.60 20.82 -29.57
C LYS B 142 2.91 20.34 -30.98
N SER B 143 2.52 21.15 -31.98
CA SER B 143 2.69 20.67 -33.36
C SER B 143 4.16 20.60 -33.75
N ALA B 144 5.00 21.41 -33.14
CA ALA B 144 6.44 21.30 -33.38
C ALA B 144 7.02 19.98 -32.87
N ASN B 145 6.38 19.32 -31.90
CA ASN B 145 6.89 18.05 -31.38
C ASN B 145 6.25 16.84 -32.03
N ILE B 146 5.52 17.02 -33.12
CA ILE B 146 5.00 15.92 -33.91
C ILE B 146 5.85 15.87 -35.18
N LEU B 147 6.70 14.86 -35.29
CA LEU B 147 7.58 14.75 -36.46
C LEU B 147 6.93 13.88 -37.52
N ILE B 148 7.26 14.17 -38.78
CA ILE B 148 6.58 13.61 -39.93
C ILE B 148 7.61 12.88 -40.80
N ASP B 149 7.30 11.66 -41.26
CA ASP B 149 8.24 11.00 -42.16
C ASP B 149 7.79 11.16 -43.62
N LYS B 150 8.54 10.53 -44.54
CA LYS B 150 8.27 10.71 -45.97
C LYS B 150 6.92 10.13 -46.38
N ASN B 151 6.33 9.27 -45.55
CA ASN B 151 5.01 8.70 -45.81
C ASN B 151 3.94 9.40 -45.01
N TYR B 152 4.29 10.52 -44.38
CA TYR B 152 3.36 11.36 -43.62
C TYR B 152 2.81 10.63 -42.42
N ARG B 153 3.58 9.68 -41.90
CA ARG B 153 3.29 9.12 -40.59
C ARG B 153 3.87 10.04 -39.52
N GLY B 154 3.16 10.11 -38.39
CA GLY B 154 3.52 11.00 -37.30
C GLY B 154 4.19 10.27 -36.14
N LYS B 155 5.10 10.98 -35.48
CA LYS B 155 5.87 10.45 -34.35
C LYS B 155 6.00 11.54 -33.30
N VAL B 156 5.66 11.22 -32.05
CA VAL B 156 5.77 12.18 -30.96
C VAL B 156 7.21 12.22 -30.46
N ALA B 157 7.75 13.43 -30.31
CA ALA B 157 9.13 13.64 -29.91
C ALA B 157 9.20 14.29 -28.52
N ASN B 158 10.33 14.06 -27.85
CA ASN B 158 10.77 14.85 -26.69
C ASN B 158 9.94 14.59 -25.43
N PHE B 159 9.43 13.37 -25.26
CA PHE B 159 8.84 12.97 -23.99
C PHE B 159 9.92 12.48 -23.03
N GLY B 160 9.62 12.56 -21.73
CA GLY B 160 10.53 12.09 -20.71
C GLY B 160 11.65 13.04 -20.35
N LEU B 161 11.58 14.30 -20.78
CA LEU B 161 12.71 15.22 -20.61
C LEU B 161 12.44 16.35 -19.62
N THR B 162 11.38 16.26 -18.84
CA THR B 162 10.95 17.39 -18.01
C THR B 162 12.03 17.81 -17.00
N LYS B 163 12.82 16.85 -16.49
CA LYS B 163 13.80 17.20 -15.46
C LYS B 163 14.90 18.12 -15.99
N LEU B 164 15.27 17.99 -17.26
CA LEU B 164 16.34 18.83 -17.80
C LEU B 164 15.97 20.31 -17.75
N THR B 165 14.68 20.61 -17.76
CA THR B 165 14.22 22.00 -17.69
C THR B 165 13.95 22.46 -16.26
N GLU B 166 13.48 21.56 -15.40
CA GLU B 166 13.02 21.97 -14.07
C GLU B 166 14.04 21.67 -12.97
N VAL B 167 14.83 20.61 -13.11
CA VAL B 167 15.87 20.29 -12.14
C VAL B 167 17.13 19.90 -12.90
N GLY B 168 17.11 18.73 -13.53
CA GLY B 168 18.25 18.22 -14.25
C GLY B 168 18.27 16.70 -14.33
N SER B 171 21.03 19.69 -8.40
CA SER B 171 20.02 18.65 -8.26
C SER B 171 18.77 19.16 -7.55
N LEU B 172 18.68 20.49 -7.36
CA LEU B 172 17.54 21.17 -6.78
C LEU B 172 16.77 21.92 -7.87
N PRO B 173 15.47 22.18 -7.68
CA PRO B 173 14.69 22.99 -8.62
C PRO B 173 15.41 24.19 -9.24
N THR B 174 15.05 24.50 -10.47
CA THR B 174 15.65 25.57 -11.24
C THR B 174 14.75 26.79 -11.40
N GLY B 175 13.55 26.76 -10.81
CA GLY B 175 12.59 27.83 -11.01
C GLY B 175 11.88 27.81 -12.34
N ARG B 176 12.36 27.05 -13.32
CA ARG B 176 11.76 27.02 -14.63
C ARG B 176 10.54 26.11 -14.65
N LEU B 177 9.49 26.52 -15.36
CA LEU B 177 8.27 25.76 -15.51
C LEU B 177 8.15 25.24 -16.94
N VAL B 178 7.64 24.01 -17.09
CA VAL B 178 7.53 23.36 -18.39
C VAL B 178 6.24 23.78 -19.06
N GLY B 179 6.31 24.07 -20.34
CA GLY B 179 5.11 24.37 -21.10
C GLY B 179 5.39 25.36 -22.21
N THR B 180 4.45 25.43 -23.15
CA THR B 180 4.56 26.31 -24.31
C THR B 180 3.26 27.09 -24.42
N PHE B 181 3.38 28.41 -24.53
CA PHE B 181 2.19 29.27 -24.61
C PHE B 181 1.22 28.80 -25.68
N GLY B 182 -0.06 28.76 -25.32
CA GLY B 182 -1.11 28.30 -26.20
C GLY B 182 -1.48 26.84 -26.02
N TYR B 183 -0.66 26.05 -25.33
CA TYR B 183 -0.94 24.64 -25.11
C TYR B 183 -1.18 24.29 -23.66
N MET B 184 -1.21 25.28 -22.75
CA MET B 184 -1.32 24.90 -21.34
C MET B 184 -2.76 25.01 -20.86
N PRO B 185 -3.29 23.99 -20.20
CA PRO B 185 -4.68 24.05 -19.70
C PRO B 185 -4.76 24.98 -18.51
N PRO B 186 -5.97 25.43 -18.15
CA PRO B 186 -6.06 26.48 -17.12
C PRO B 186 -5.66 26.00 -15.74
N GLU B 187 -5.86 24.71 -15.42
CA GLU B 187 -5.48 24.24 -14.09
C GLU B 187 -3.97 24.18 -13.93
N TYR B 188 -3.22 24.06 -15.02
CA TYR B 188 -1.77 24.11 -14.90
C TYR B 188 -1.27 25.55 -14.86
N ALA B 189 -1.79 26.40 -15.75
CA ALA B 189 -1.34 27.78 -15.81
C ALA B 189 -1.63 28.53 -14.51
N GLN B 190 -2.75 28.21 -13.86
CA GLN B 190 -3.19 28.93 -12.67
C GLN B 190 -2.78 28.27 -11.36
N TYR B 191 -2.68 26.94 -11.31
CA TYR B 191 -2.37 26.25 -10.06
C TYR B 191 -1.16 25.34 -10.14
N GLY B 192 -0.60 25.11 -11.32
CA GLY B 192 0.46 24.14 -11.48
C GLY B 192 0.03 22.68 -11.41
N ASP B 193 -1.26 22.40 -11.59
CA ASP B 193 -1.74 21.02 -11.49
C ASP B 193 -1.27 20.20 -12.68
N VAL B 194 -0.63 19.07 -12.41
CA VAL B 194 -0.07 18.22 -13.46
C VAL B 194 -0.79 16.88 -13.42
N SER B 195 -1.17 16.41 -14.60
CA SER B 195 -1.83 15.12 -14.76
C SER B 195 -1.82 14.78 -16.24
N PRO B 196 -2.11 13.52 -16.61
CA PRO B 196 -2.16 13.20 -18.04
C PRO B 196 -3.09 14.10 -18.84
N LYS B 197 -4.08 14.70 -18.17
CA LYS B 197 -5.00 15.60 -18.86
C LYS B 197 -4.33 16.88 -19.33
N VAL B 198 -3.12 17.20 -18.87
N VAL B 198 -3.10 17.18 -18.88
CA VAL B 198 -2.38 18.28 -19.48
CA VAL B 198 -2.35 18.29 -19.46
C VAL B 198 -2.07 17.96 -20.94
C VAL B 198 -1.94 17.99 -20.90
N ASP B 199 -1.68 16.71 -21.21
CA ASP B 199 -1.36 16.33 -22.59
C ASP B 199 -2.62 16.30 -23.45
N VAL B 200 -3.75 15.88 -22.86
CA VAL B 200 -5.01 15.84 -23.59
C VAL B 200 -5.41 17.23 -24.06
N TYR B 201 -5.22 18.23 -23.20
CA TYR B 201 -5.52 19.61 -23.57
C TYR B 201 -4.65 20.04 -24.76
N ALA B 202 -3.33 19.85 -24.66
CA ALA B 202 -2.44 20.26 -25.75
C ALA B 202 -2.73 19.49 -27.03
N PHE B 203 -3.10 18.22 -26.90
CA PHE B 203 -3.45 17.46 -28.09
C PHE B 203 -4.68 18.05 -28.76
N GLY B 204 -5.64 18.53 -27.97
CA GLY B 204 -6.79 19.21 -28.54
C GLY B 204 -6.42 20.43 -29.34
N VAL B 205 -5.45 21.21 -28.83
CA VAL B 205 -4.93 22.33 -29.61
C VAL B 205 -4.35 21.85 -30.93
N VAL B 206 -3.60 20.74 -30.92
CA VAL B 206 -3.05 20.22 -32.17
C VAL B 206 -4.17 19.85 -33.13
N LEU B 207 -5.24 19.26 -32.62
CA LEU B 207 -6.40 19.01 -33.47
C LEU B 207 -6.95 20.30 -34.08
N TYR B 208 -7.01 21.38 -33.31
CA TYR B 208 -7.51 22.61 -33.90
C TYR B 208 -6.56 23.14 -34.97
N GLU B 209 -5.25 22.91 -34.80
CA GLU B 209 -4.29 23.33 -35.82
C GLU B 209 -4.43 22.52 -37.09
N LEU B 210 -4.67 21.22 -36.96
CA LEU B 210 -4.91 20.40 -38.15
C LEU B 210 -6.12 20.92 -38.92
N ILE B 211 -7.18 21.35 -38.22
CA ILE B 211 -8.38 21.85 -38.88
C ILE B 211 -8.11 23.19 -39.57
N SER B 212 -7.51 24.13 -38.84
CA SER B 212 -7.43 25.52 -39.27
C SER B 212 -6.09 25.93 -39.88
N ALA B 213 -5.01 25.19 -39.58
CA ALA B 213 -3.65 25.57 -39.95
C ALA B 213 -3.20 26.88 -39.29
N LYS B 214 -3.94 27.35 -38.30
CA LYS B 214 -3.54 28.53 -37.55
C LYS B 214 -2.58 28.15 -36.44
N ASP B 215 -1.79 29.12 -36.00
CA ASP B 215 -0.95 28.94 -34.81
C ASP B 215 -1.83 28.79 -33.58
N ALA B 216 -1.26 28.16 -32.53
CA ALA B 216 -1.98 28.05 -31.26
C ALA B 216 -2.33 29.42 -30.69
N ILE B 217 -1.61 30.46 -31.08
CA ILE B 217 -1.92 31.86 -30.73
C ILE B 217 -2.14 32.59 -32.03
N VAL B 218 -3.37 33.09 -32.25
CA VAL B 218 -3.73 33.68 -33.54
C VAL B 218 -3.79 35.19 -33.39
N LYS B 219 -4.38 35.86 -34.38
CA LYS B 219 -4.34 37.32 -34.49
C LYS B 219 -2.90 37.83 -34.46
N THR B 220 -1.96 36.97 -34.83
CA THR B 220 -0.52 37.21 -34.70
C THR B 220 -0.16 37.56 -33.26
N ASP B 226 -3.15 42.49 -29.58
CA ASP B 226 -4.23 41.79 -30.28
C ASP B 226 -3.85 40.36 -30.60
N SER B 227 -4.11 39.45 -29.65
CA SER B 227 -3.91 38.02 -29.84
C SER B 227 -5.16 37.29 -29.35
N LYS B 228 -5.41 36.12 -29.92
CA LYS B 228 -6.50 35.28 -29.47
C LYS B 228 -6.08 33.83 -29.48
N GLY B 229 -6.46 33.11 -28.42
CA GLY B 229 -6.19 31.68 -28.37
C GLY B 229 -7.03 30.94 -29.38
N LEU B 230 -6.40 29.97 -30.04
CA LEU B 230 -7.13 29.12 -30.98
C LEU B 230 -8.30 28.44 -30.30
N VAL B 231 -8.13 28.00 -29.05
CA VAL B 231 -9.18 27.30 -28.32
C VAL B 231 -10.40 28.22 -28.15
N ALA B 232 -10.16 29.46 -27.72
CA ALA B 232 -11.25 30.40 -27.54
C ALA B 232 -11.95 30.73 -28.86
N LEU B 233 -11.20 30.81 -29.96
CA LEU B 233 -11.79 31.04 -31.27
C LEU B 233 -12.80 29.94 -31.60
N PHE B 234 -12.38 28.68 -31.46
CA PHE B 234 -13.27 27.56 -31.76
C PHE B 234 -14.41 27.43 -30.74
N GLU B 235 -14.15 27.78 -29.48
CA GLU B 235 -15.20 27.66 -28.47
C GLU B 235 -16.40 28.53 -28.83
N GLY B 236 -16.15 29.76 -29.28
CA GLY B 236 -17.26 30.63 -29.64
C GLY B 236 -17.99 30.15 -30.87
N VAL B 237 -17.24 29.64 -31.86
CA VAL B 237 -17.84 29.13 -33.09
C VAL B 237 -18.69 27.89 -32.79
N LEU B 238 -18.18 26.98 -31.96
CA LEU B 238 -18.84 25.71 -31.71
C LEU B 238 -19.97 25.80 -30.70
N SER B 239 -20.01 26.84 -29.87
CA SER B 239 -21.05 26.99 -28.86
C SER B 239 -22.27 27.65 -29.51
N GLN B 240 -22.96 26.86 -30.33
CA GLN B 240 -23.96 27.34 -31.27
C GLN B 240 -24.82 26.15 -31.68
N PRO B 241 -26.13 26.33 -31.91
CA PRO B 241 -26.94 25.17 -32.38
C PRO B 241 -26.41 24.53 -33.65
N ASP B 242 -26.08 25.32 -34.68
CA ASP B 242 -25.50 24.79 -35.92
C ASP B 242 -24.24 25.55 -36.28
N PRO B 243 -23.08 25.09 -35.81
CA PRO B 243 -21.82 25.80 -36.09
C PRO B 243 -21.24 25.57 -37.47
N THR B 244 -21.91 24.83 -38.35
CA THR B 244 -21.34 24.42 -39.63
C THR B 244 -20.83 25.60 -40.44
N GLU B 245 -21.64 26.64 -40.59
CA GLU B 245 -21.19 27.75 -41.42
C GLU B 245 -20.03 28.49 -40.78
N ASP B 246 -20.12 28.79 -39.48
CA ASP B 246 -19.00 29.47 -38.83
C ASP B 246 -17.77 28.57 -38.71
N LEU B 247 -17.97 27.26 -38.56
CA LEU B 247 -16.82 26.36 -38.51
C LEU B 247 -16.06 26.37 -39.83
N ARG B 248 -16.79 26.33 -40.95
CA ARG B 248 -16.15 26.37 -42.26
C ARG B 248 -15.24 27.58 -42.40
N LYS B 249 -15.65 28.73 -41.85
CA LYS B 249 -14.80 29.91 -41.90
C LYS B 249 -13.43 29.67 -41.23
N LEU B 250 -13.34 28.72 -40.30
CA LEU B 250 -12.08 28.45 -39.62
C LEU B 250 -11.25 27.35 -40.29
N VAL B 251 -11.81 26.63 -41.27
CA VAL B 251 -11.08 25.53 -41.89
C VAL B 251 -10.00 26.08 -42.81
N ASP B 252 -8.82 25.45 -42.76
CA ASP B 252 -7.68 25.76 -43.62
C ASP B 252 -8.13 26.03 -45.04
N GLN B 253 -7.88 27.26 -45.52
CA GLN B 253 -8.27 27.64 -46.88
C GLN B 253 -7.57 26.78 -47.92
N ARG B 254 -6.31 26.40 -47.66
CA ARG B 254 -5.56 25.57 -48.59
C ARG B 254 -6.16 24.17 -48.74
N LEU B 255 -7.03 23.77 -47.82
CA LEU B 255 -7.81 22.55 -48.05
C LEU B 255 -8.81 22.72 -49.18
N GLY B 256 -9.07 23.96 -49.59
CA GLY B 256 -10.17 24.20 -50.50
C GLY B 256 -11.45 23.68 -49.86
N ASP B 257 -12.26 23.00 -50.66
CA ASP B 257 -13.43 22.29 -50.19
C ASP B 257 -13.20 20.79 -50.08
N ASN B 258 -11.95 20.36 -50.00
CA ASN B 258 -11.61 18.93 -50.10
C ASN B 258 -11.64 18.26 -48.73
N TYR B 259 -12.84 18.10 -48.17
CA TYR B 259 -12.98 17.49 -46.85
C TYR B 259 -14.45 17.12 -46.64
N PRO B 260 -14.72 16.16 -45.76
CA PRO B 260 -16.12 15.82 -45.46
C PRO B 260 -16.64 16.65 -44.30
N VAL B 261 -17.86 17.17 -44.46
CA VAL B 261 -18.40 18.09 -43.47
C VAL B 261 -18.43 17.43 -42.09
N ASP B 262 -18.97 16.20 -42.02
CA ASP B 262 -19.16 15.55 -40.73
C ASP B 262 -17.83 15.23 -40.06
N SER B 263 -16.79 14.90 -40.84
CA SER B 263 -15.49 14.55 -40.27
CA SER B 263 -15.50 14.55 -40.26
C SER B 263 -14.85 15.75 -39.60
N VAL B 264 -14.84 16.89 -40.29
CA VAL B 264 -14.30 18.12 -39.69
C VAL B 264 -15.08 18.49 -38.43
N ARG B 265 -16.41 18.32 -38.46
CA ARG B 265 -17.21 18.63 -37.29
C ARG B 265 -16.87 17.71 -36.12
N LYS B 266 -16.69 16.42 -36.39
CA LYS B 266 -16.38 15.48 -35.31
C LYS B 266 -15.01 15.75 -34.71
N MET B 267 -14.01 16.09 -35.55
CA MET B 267 -12.70 16.42 -34.97
C MET B 267 -12.77 17.71 -34.16
N ALA B 268 -13.52 18.71 -34.63
CA ALA B 268 -13.69 19.95 -33.88
C ALA B 268 -14.34 19.70 -32.53
N GLN B 269 -15.42 18.90 -32.50
CA GLN B 269 -16.08 18.57 -31.24
C GLN B 269 -15.17 17.76 -30.33
N LEU B 270 -14.39 16.84 -30.90
CA LEU B 270 -13.41 16.11 -30.10
C LEU B 270 -12.41 17.06 -29.47
N ALA B 271 -11.90 18.01 -30.27
CA ALA B 271 -10.93 18.96 -29.73
C ALA B 271 -11.54 19.85 -28.65
N LYS B 272 -12.84 20.17 -28.77
CA LYS B 272 -13.49 20.94 -27.72
C LYS B 272 -13.57 20.14 -26.42
N ALA B 273 -13.91 18.85 -26.51
CA ALA B 273 -13.93 18.03 -25.31
C ALA B 273 -12.53 17.90 -24.71
N CYS B 274 -11.50 17.87 -25.56
CA CYS B 274 -10.13 17.78 -25.07
C CYS B 274 -9.68 19.06 -24.37
N THR B 275 -10.26 20.20 -24.73
CA THR B 275 -9.75 21.49 -24.25
C THR B 275 -10.67 22.14 -23.22
N GLN B 276 -11.67 21.43 -22.72
CA GLN B 276 -12.59 22.05 -21.78
C GLN B 276 -11.91 22.34 -20.44
N ASP B 277 -12.55 23.22 -19.67
CA ASP B 277 -11.94 23.74 -18.43
C ASP B 277 -11.69 22.63 -17.42
N ASN B 278 -12.68 21.75 -17.21
CA ASN B 278 -12.56 20.73 -16.18
C ASN B 278 -11.72 19.57 -16.68
N PRO B 279 -10.51 19.39 -16.15
CA PRO B 279 -9.64 18.30 -16.64
C PRO B 279 -10.25 16.92 -16.47
N GLN B 280 -11.04 16.69 -15.43
CA GLN B 280 -11.63 15.37 -15.23
C GLN B 280 -12.64 15.01 -16.31
N LEU B 281 -13.20 15.99 -17.01
CA LEU B 281 -14.17 15.74 -18.06
C LEU B 281 -13.53 15.58 -19.44
N ARG B 282 -12.23 15.83 -19.57
CA ARG B 282 -11.58 15.58 -20.84
C ARG B 282 -11.40 14.08 -21.05
N PRO B 283 -11.47 13.60 -22.29
CA PRO B 283 -11.34 12.16 -22.55
C PRO B 283 -9.91 11.65 -22.37
N SER B 284 -9.81 10.37 -22.06
CA SER B 284 -8.52 9.70 -22.05
C SER B 284 -7.97 9.58 -23.47
N MET B 285 -6.66 9.41 -23.58
CA MET B 285 -6.07 9.21 -24.90
C MET B 285 -6.64 7.97 -25.57
N ARG B 286 -6.95 6.94 -24.77
CA ARG B 286 -7.57 5.75 -25.32
C ARG B 286 -8.89 6.09 -25.99
N SER B 287 -9.72 6.90 -25.34
CA SER B 287 -11.00 7.28 -25.94
C SER B 287 -10.81 8.22 -27.13
N ILE B 288 -9.75 9.01 -27.15
CA ILE B 288 -9.44 9.86 -28.30
C ILE B 288 -9.10 8.99 -29.51
N VAL B 289 -8.31 7.93 -29.31
CA VAL B 289 -7.97 7.02 -30.41
C VAL B 289 -9.24 6.39 -30.99
N VAL B 290 -10.12 5.90 -30.12
CA VAL B 290 -11.37 5.30 -30.58
C VAL B 290 -12.16 6.29 -31.43
N ALA B 291 -12.18 7.56 -31.02
CA ALA B 291 -12.96 8.56 -31.74
C ALA B 291 -12.32 8.92 -33.07
N LEU B 292 -10.99 9.07 -33.10
CA LEU B 292 -10.32 9.39 -34.36
C LEU B 292 -10.45 8.28 -35.37
N MET B 293 -10.44 7.02 -34.91
CA MET B 293 -10.61 5.89 -35.80
C MET B 293 -11.97 5.89 -36.49
N THR B 294 -12.99 6.54 -35.92
CA THR B 294 -14.27 6.62 -36.60
C THR B 294 -14.22 7.53 -37.80
N LEU B 295 -13.23 8.42 -37.86
CA LEU B 295 -13.01 9.26 -39.03
C LEU B 295 -12.11 8.61 -40.08
N SER B 296 -11.35 7.58 -39.69
CA SER B 296 -10.36 6.96 -40.56
C SER B 296 -11.07 6.15 -41.64
N SER B 297 -11.50 6.86 -42.69
CA SER B 297 -12.14 6.24 -43.84
C SER B 297 -12.18 7.21 -45.02
N ASP C 4 -17.55 -16.68 18.01
CA ASP C 4 -16.93 -17.90 18.49
C ASP C 4 -17.80 -18.53 19.57
N LYS C 5 -17.86 -19.87 19.58
CA LYS C 5 -18.64 -20.56 20.60
C LYS C 5 -18.16 -20.23 22.00
N SER C 6 -16.86 -19.98 22.17
CA SER C 6 -16.35 -19.67 23.50
C SER C 6 -16.89 -18.34 24.01
N VAL C 7 -17.27 -17.41 23.12
CA VAL C 7 -17.76 -16.10 23.53
C VAL C 7 -19.28 -15.98 23.40
N GLU C 8 -19.97 -17.00 22.90
CA GLU C 8 -21.42 -16.94 22.74
C GLU C 8 -22.11 -17.78 23.81
N PHE C 9 -23.17 -17.22 24.38
CA PHE C 9 -23.97 -17.88 25.40
C PHE C 9 -25.43 -17.91 24.99
N SER C 10 -26.08 -19.04 25.23
CA SER C 10 -27.51 -19.11 24.99
C SER C 10 -28.26 -18.56 26.19
N TYR C 11 -29.52 -18.16 25.96
CA TYR C 11 -30.36 -17.72 27.06
C TYR C 11 -30.44 -18.79 28.13
N ASP C 12 -30.73 -20.04 27.75
CA ASP C 12 -30.90 -21.09 28.74
C ASP C 12 -29.65 -21.26 29.60
N GLU C 13 -28.46 -21.07 29.01
CA GLU C 13 -27.21 -21.18 29.76
C GLU C 13 -27.14 -20.13 30.87
N LEU C 14 -27.48 -18.89 30.53
CA LEU C 14 -27.43 -17.81 31.52
C LEU C 14 -28.55 -17.95 32.54
N ALA C 15 -29.72 -18.44 32.11
CA ALA C 15 -30.81 -18.66 33.05
C ALA C 15 -30.46 -19.76 34.04
N THR C 16 -29.91 -20.87 33.56
CA THR C 16 -29.55 -21.96 34.45
CA THR C 16 -29.54 -21.98 34.44
C THR C 16 -28.50 -21.54 35.46
N ALA C 17 -27.48 -20.80 35.02
CA ALA C 17 -26.40 -20.40 35.91
C ALA C 17 -26.81 -19.38 36.96
N THR C 18 -27.99 -18.76 36.82
CA THR C 18 -28.49 -17.74 37.74
C THR C 18 -29.79 -18.16 38.43
N ASP C 19 -30.16 -19.43 38.37
CA ASP C 19 -31.41 -19.93 38.96
C ASP C 19 -32.61 -19.17 38.40
N ASN C 20 -32.62 -19.04 37.07
CA ASN C 20 -33.62 -18.27 36.34
C ASN C 20 -33.65 -16.82 36.82
N PHE C 21 -32.46 -16.23 36.98
CA PHE C 21 -32.32 -14.82 37.35
C PHE C 21 -33.03 -14.52 38.67
N SER C 22 -32.81 -15.40 39.65
CA SER C 22 -33.36 -15.23 40.99
C SER C 22 -32.71 -14.05 41.71
N LEU C 23 -33.48 -13.45 42.63
CA LEU C 23 -33.15 -12.10 43.14
C LEU C 23 -31.83 -12.06 43.89
N ALA C 24 -31.54 -13.07 44.70
CA ALA C 24 -30.36 -13.01 45.56
C ALA C 24 -29.06 -13.29 44.82
N ASN C 25 -29.13 -13.68 43.54
CA ASN C 25 -27.94 -13.79 42.72
C ASN C 25 -27.51 -12.46 42.14
N LYS C 26 -28.28 -11.40 42.36
CA LYS C 26 -27.87 -10.09 41.89
C LYS C 26 -26.61 -9.63 42.62
N ILE C 27 -25.72 -9.01 41.88
CA ILE C 27 -24.60 -8.26 42.45
C ILE C 27 -25.18 -6.87 42.63
N GLY C 28 -25.71 -6.63 43.82
CA GLY C 28 -26.70 -5.58 44.05
C GLY C 28 -26.21 -4.18 43.82
N GLN C 29 -25.27 -3.75 44.65
CA GLN C 29 -24.71 -2.42 44.56
C GLN C 29 -23.53 -2.45 43.58
N GLY C 30 -23.69 -1.76 42.45
CA GLY C 30 -22.67 -1.75 41.42
C GLY C 30 -23.18 -2.25 40.07
N GLY C 33 -27.67 -2.09 37.27
CA GLY C 33 -28.75 -2.38 38.19
C GLY C 33 -29.36 -3.75 37.95
N SER C 34 -29.03 -4.33 36.79
CA SER C 34 -29.50 -5.67 36.45
C SER C 34 -28.32 -6.60 36.21
N VAL C 35 -27.49 -6.81 37.24
CA VAL C 35 -26.25 -7.55 37.10
C VAL C 35 -26.30 -8.76 38.03
N TYR C 36 -26.02 -9.96 37.48
CA TYR C 36 -26.15 -11.22 38.19
C TYR C 36 -24.81 -11.95 38.26
N TYR C 37 -24.53 -12.55 39.41
CA TYR C 37 -23.38 -13.44 39.56
C TYR C 37 -23.67 -14.80 38.92
N ALA C 38 -22.67 -15.39 38.27
CA ALA C 38 -22.78 -16.74 37.76
C ALA C 38 -21.38 -17.34 37.60
N GLU C 39 -21.32 -18.67 37.61
CA GLU C 39 -20.13 -19.39 37.20
C GLU C 39 -20.43 -20.00 35.83
N LEU C 40 -19.70 -19.55 34.81
CA LEU C 40 -19.95 -19.98 33.44
C LEU C 40 -18.69 -20.63 32.90
N ARG C 41 -18.79 -21.90 32.53
CA ARG C 41 -17.68 -22.61 31.92
C ARG C 41 -16.39 -22.45 32.73
N GLY C 42 -16.51 -22.58 34.05
CA GLY C 42 -15.36 -22.56 34.94
C GLY C 42 -14.89 -21.20 35.40
N GLU C 43 -15.55 -20.11 35.00
CA GLU C 43 -15.11 -18.76 35.33
C GLU C 43 -16.16 -18.04 36.17
N ARG C 44 -15.71 -17.26 37.16
CA ARG C 44 -16.65 -16.39 37.85
C ARG C 44 -16.99 -15.20 36.95
N ALA C 45 -18.27 -14.89 36.84
CA ALA C 45 -18.75 -13.99 35.81
C ALA C 45 -19.83 -13.08 36.38
N ALA C 46 -19.98 -11.92 35.73
CA ALA C 46 -21.07 -11.00 36.02
C ALA C 46 -21.89 -10.85 34.75
N ILE C 47 -23.19 -11.09 34.85
CA ILE C 47 -24.07 -11.05 33.69
C ILE C 47 -24.90 -9.78 33.78
N LYS C 48 -24.85 -8.97 32.73
CA LYS C 48 -25.59 -7.71 32.67
C LYS C 48 -26.64 -7.84 31.59
N LYS C 49 -27.91 -7.78 31.99
CA LYS C 49 -29.01 -7.78 31.03
C LYS C 49 -29.14 -6.39 30.43
N MET C 50 -28.97 -6.29 29.12
CA MET C 50 -29.16 -5.05 28.40
C MET C 50 -30.55 -5.08 27.77
N ASP C 51 -31.48 -4.32 28.34
CA ASP C 51 -32.85 -4.34 27.87
C ASP C 51 -32.96 -3.78 26.45
N MET C 52 -32.39 -4.50 25.49
CA MET C 52 -32.29 -4.02 24.11
C MET C 52 -31.79 -5.16 23.24
N GLN C 53 -31.81 -4.92 21.93
CA GLN C 53 -31.28 -5.84 20.94
C GLN C 53 -30.09 -5.19 20.25
N ALA C 54 -29.22 -6.02 19.67
CA ALA C 54 -27.98 -5.56 19.07
C ALA C 54 -27.89 -5.93 17.60
N SER C 55 -27.42 -4.99 16.78
CA SER C 55 -27.23 -5.23 15.36
C SER C 55 -26.13 -6.26 15.12
N LYS C 56 -26.11 -6.81 13.90
CA LYS C 56 -25.03 -7.72 13.51
C LYS C 56 -23.68 -7.03 13.49
N GLU C 57 -23.65 -5.71 13.31
CA GLU C 57 -22.39 -4.96 13.34
C GLU C 57 -21.86 -4.81 14.76
N PHE C 58 -22.73 -4.42 15.70
CA PHE C 58 -22.31 -4.32 17.09
C PHE C 58 -21.91 -5.69 17.64
N LEU C 59 -22.51 -6.76 17.11
CA LEU C 59 -22.04 -8.10 17.46
C LEU C 59 -20.60 -8.29 17.02
N ALA C 60 -20.25 -7.82 15.82
CA ALA C 60 -18.87 -7.89 15.35
C ALA C 60 -17.95 -7.02 16.19
N GLU C 61 -18.47 -5.93 16.76
CA GLU C 61 -17.67 -5.10 17.66
C GLU C 61 -17.49 -5.77 19.02
N LEU C 62 -18.54 -6.41 19.53
CA LEU C 62 -18.40 -7.18 20.76
C LEU C 62 -17.38 -8.28 20.59
N LYS C 63 -17.40 -8.95 19.43
CA LYS C 63 -16.41 -9.94 19.06
C LYS C 63 -14.98 -9.42 19.29
N VAL C 64 -14.66 -8.29 18.67
CA VAL C 64 -13.35 -7.68 18.86
C VAL C 64 -13.11 -7.36 20.33
N LEU C 65 -14.14 -6.91 21.03
CA LEU C 65 -13.98 -6.53 22.43
C LEU C 65 -13.58 -7.71 23.30
N THR C 66 -14.06 -8.92 22.96
CA THR C 66 -13.67 -10.09 23.76
C THR C 66 -12.17 -10.38 23.66
N ARG C 67 -11.51 -9.92 22.61
CA ARG C 67 -10.08 -10.18 22.48
C ARG C 67 -9.23 -9.26 23.34
N VAL C 68 -9.79 -8.20 23.90
CA VAL C 68 -9.00 -7.26 24.70
C VAL C 68 -8.69 -7.89 26.05
N HIS C 69 -7.40 -7.95 26.39
CA HIS C 69 -6.95 -8.64 27.59
C HIS C 69 -5.83 -7.83 28.23
N HIS C 70 -6.08 -7.33 29.44
CA HIS C 70 -5.15 -6.44 30.14
C HIS C 70 -5.44 -6.54 31.64
N LEU C 71 -4.38 -6.50 32.46
CA LEU C 71 -4.58 -6.64 33.90
C LEU C 71 -5.41 -5.51 34.50
N ASN C 72 -5.52 -4.36 33.83
CA ASN C 72 -6.26 -3.23 34.38
C ASN C 72 -7.50 -2.90 33.56
N LEU C 73 -8.05 -3.88 32.83
CA LEU C 73 -9.33 -3.73 32.14
C LEU C 73 -10.21 -4.94 32.48
N VAL C 74 -11.48 -4.68 32.76
CA VAL C 74 -12.44 -5.76 32.96
C VAL C 74 -12.70 -6.44 31.62
N ARG C 75 -12.39 -7.74 31.54
CA ARG C 75 -12.50 -8.46 30.28
C ARG C 75 -13.94 -8.82 30.00
N LEU C 76 -14.35 -8.65 28.74
CA LEU C 76 -15.64 -9.14 28.29
C LEU C 76 -15.50 -10.61 27.93
N ILE C 77 -16.10 -11.51 28.72
CA ILE C 77 -16.01 -12.94 28.45
C ILE C 77 -16.85 -13.32 27.24
N GLY C 78 -18.05 -12.77 27.13
CA GLY C 78 -18.90 -13.14 26.02
C GLY C 78 -20.21 -12.38 26.05
N TYR C 79 -21.19 -12.93 25.35
CA TYR C 79 -22.46 -12.25 25.20
C TYR C 79 -23.48 -13.23 24.67
N SER C 80 -24.74 -12.81 24.69
CA SER C 80 -25.81 -13.44 23.93
C SER C 80 -25.75 -13.01 22.47
N ILE C 81 -26.32 -13.84 21.60
CA ILE C 81 -26.29 -13.58 20.16
C ILE C 81 -27.68 -13.37 19.56
N GLU C 82 -28.74 -13.62 20.32
CA GLU C 82 -30.09 -13.34 19.87
C GLU C 82 -30.93 -12.88 21.06
N GLY C 83 -32.13 -12.42 20.75
CA GLY C 83 -33.02 -11.91 21.76
C GLY C 83 -32.41 -10.74 22.49
N SER C 84 -32.81 -10.58 23.74
CA SER C 84 -32.26 -9.52 24.57
C SER C 84 -30.75 -9.68 24.67
N LEU C 85 -30.04 -8.56 24.57
CA LEU C 85 -28.60 -8.59 24.68
C LEU C 85 -28.20 -8.76 26.14
N PHE C 86 -27.39 -9.78 26.41
CA PHE C 86 -26.69 -9.93 27.67
C PHE C 86 -25.20 -9.77 27.41
N LEU C 87 -24.51 -9.04 28.29
CA LEU C 87 -23.05 -8.97 28.29
C LEU C 87 -22.53 -9.75 29.48
N VAL C 88 -21.49 -10.55 29.27
CA VAL C 88 -20.89 -11.39 30.31
C VAL C 88 -19.46 -10.93 30.55
N TYR C 89 -19.20 -10.39 31.73
CA TYR C 89 -17.87 -9.90 32.08
C TYR C 89 -17.24 -10.80 33.13
N GLU C 90 -15.91 -10.74 33.24
CA GLU C 90 -15.28 -11.38 34.38
C GLU C 90 -15.75 -10.69 35.66
N PHE C 91 -15.94 -11.50 36.70
CA PHE C 91 -16.37 -11.02 38.01
C PHE C 91 -15.18 -10.43 38.77
N ILE C 92 -15.32 -9.19 39.24
CA ILE C 92 -14.29 -8.51 40.01
C ILE C 92 -14.82 -8.39 41.44
N GLU C 93 -14.17 -9.08 42.38
CA GLU C 93 -14.84 -9.45 43.62
C GLU C 93 -14.99 -8.33 44.64
N ASN C 94 -14.24 -7.22 44.54
CA ASN C 94 -14.24 -6.22 45.60
C ASN C 94 -14.92 -4.91 45.19
N GLY C 95 -15.95 -5.00 44.35
CA GLY C 95 -16.80 -3.84 44.11
C GLY C 95 -16.15 -2.76 43.25
N ASN C 96 -16.56 -1.51 43.49
CA ASN C 96 -16.01 -0.42 42.68
C ASN C 96 -15.44 0.66 43.59
N LEU C 97 -14.75 1.61 42.97
CA LEU C 97 -14.00 2.60 43.72
C LEU C 97 -14.94 3.53 44.50
N SER C 98 -16.09 3.89 43.93
CA SER C 98 -17.03 4.75 44.65
CA SER C 98 -17.04 4.74 44.63
C SER C 98 -17.44 4.12 45.97
N GLN C 99 -17.69 2.81 45.97
CA GLN C 99 -18.11 2.14 47.21
C GLN C 99 -17.02 2.17 48.26
N HIS C 100 -15.76 2.02 47.84
CA HIS C 100 -14.68 2.09 48.81
C HIS C 100 -14.47 3.50 49.34
N LEU C 101 -14.63 4.52 48.50
CA LEU C 101 -14.40 5.89 48.94
C LEU C 101 -15.54 6.40 49.83
N ARG C 102 -16.77 5.99 49.53
CA ARG C 102 -17.95 6.56 50.17
C ARG C 102 -18.73 5.58 51.03
N GLY C 103 -18.45 4.29 50.94
CA GLY C 103 -19.16 3.32 51.75
C GLY C 103 -18.76 3.41 53.22
N SER C 104 -19.55 2.74 54.05
CA SER C 104 -19.39 2.82 55.50
C SER C 104 -18.91 1.54 56.15
N GLY C 105 -19.02 0.40 55.47
CA GLY C 105 -18.73 -0.87 56.12
C GLY C 105 -17.26 -1.08 56.43
N ARG C 106 -16.36 -0.54 55.61
CA ARG C 106 -14.97 -0.97 55.57
C ARG C 106 -14.02 0.13 56.00
N ASP C 107 -12.80 -0.29 56.34
CA ASP C 107 -11.72 0.64 56.65
C ASP C 107 -11.42 1.52 55.43
N PRO C 108 -10.92 2.73 55.65
CA PRO C 108 -10.60 3.61 54.51
C PRO C 108 -9.45 3.06 53.68
N LEU C 109 -9.47 3.41 52.40
CA LEU C 109 -8.32 3.14 51.54
C LEU C 109 -7.12 3.95 52.01
N PRO C 110 -5.99 3.32 52.32
CA PRO C 110 -4.78 4.07 52.63
C PRO C 110 -4.32 4.86 51.41
N TRP C 111 -3.59 5.95 51.69
CA TRP C 111 -3.09 6.80 50.62
C TRP C 111 -2.31 6.01 49.57
N ALA C 112 -1.39 5.15 50.00
CA ALA C 112 -0.59 4.39 49.05
C ALA C 112 -1.47 3.49 48.18
N THR C 113 -2.55 2.96 48.76
CA THR C 113 -3.47 2.14 47.98
C THR C 113 -4.21 2.99 46.96
N ARG C 114 -4.53 4.24 47.31
CA ARG C 114 -5.20 5.11 46.34
C ARG C 114 -4.28 5.42 45.16
N VAL C 115 -2.99 5.65 45.43
CA VAL C 115 -2.04 5.90 44.35
C VAL C 115 -1.97 4.70 43.41
N GLN C 116 -1.95 3.49 43.98
CA GLN C 116 -1.88 2.28 43.15
C GLN C 116 -3.12 2.11 42.28
N ILE C 117 -4.31 2.43 42.84
CA ILE C 117 -5.55 2.35 42.06
C ILE C 117 -5.55 3.39 40.94
N ALA C 118 -5.08 4.60 41.22
CA ALA C 118 -4.97 5.60 40.17
C ALA C 118 -4.01 5.16 39.07
N LEU C 119 -2.86 4.60 39.46
CA LEU C 119 -1.89 4.14 38.47
C LEU C 119 -2.46 2.99 37.63
N ASP C 120 -3.11 2.02 38.30
CA ASP C 120 -3.75 0.91 37.59
C ASP C 120 -4.77 1.41 36.57
N SER C 121 -5.66 2.30 36.99
CA SER C 121 -6.70 2.80 36.09
C SER C 121 -6.08 3.56 34.93
N ALA C 122 -5.06 4.36 35.21
CA ALA C 122 -4.38 5.11 34.16
C ALA C 122 -3.73 4.19 33.15
N ARG C 123 -3.15 3.06 33.61
CA ARG C 123 -2.49 2.13 32.71
C ARG C 123 -3.52 1.46 31.80
N GLY C 124 -4.67 1.07 32.35
CA GLY C 124 -5.76 0.59 31.53
C GLY C 124 -6.19 1.59 30.47
N LEU C 125 -6.41 2.85 30.87
CA LEU C 125 -6.77 3.89 29.91
C LEU C 125 -5.70 4.09 28.87
N GLU C 126 -4.44 4.12 29.29
CA GLU C 126 -3.33 4.22 28.34
C GLU C 126 -3.43 3.13 27.29
N TYR C 127 -3.75 1.90 27.71
CA TYR C 127 -3.77 0.78 26.78
C TYR C 127 -4.84 0.97 25.70
N ILE C 128 -6.06 1.35 26.09
CA ILE C 128 -7.09 1.52 25.07
C ILE C 128 -6.90 2.81 24.27
N HIS C 129 -6.23 3.82 24.84
CA HIS C 129 -5.97 5.04 24.05
C HIS C 129 -4.91 4.84 22.99
N GLU C 130 -3.94 3.95 23.21
CA GLU C 130 -2.72 3.93 22.39
C GLU C 130 -2.41 2.60 21.74
N HIS C 131 -2.85 1.47 22.30
CA HIS C 131 -2.26 0.19 21.92
C HIS C 131 -3.26 -0.85 21.39
N THR C 132 -4.53 -0.75 21.75
CA THR C 132 -5.49 -1.73 21.23
C THR C 132 -5.76 -1.47 19.75
N VAL C 133 -6.28 -2.49 19.10
CA VAL C 133 -6.65 -2.46 17.69
C VAL C 133 -8.13 -2.79 17.58
N PRO C 134 -8.99 -1.79 17.37
CA PRO C 134 -8.73 -0.34 17.25
C PRO C 134 -8.48 0.30 18.61
N VAL C 135 -8.03 1.57 18.66
CA VAL C 135 -8.06 2.29 19.94
C VAL C 135 -9.49 2.65 20.29
N TYR C 136 -9.71 2.96 21.57
CA TYR C 136 -11.02 3.34 22.08
C TYR C 136 -10.93 4.65 22.82
N ILE C 137 -12.02 5.42 22.78
CA ILE C 137 -12.29 6.47 23.76
C ILE C 137 -13.41 5.95 24.65
N HIS C 138 -13.17 5.92 25.96
CA HIS C 138 -14.13 5.30 26.87
C HIS C 138 -15.44 6.06 26.89
N ARG C 139 -15.38 7.37 27.18
CA ARG C 139 -16.46 8.35 27.19
C ARG C 139 -17.38 8.24 28.40
N ASP C 140 -17.17 7.28 29.31
CA ASP C 140 -17.94 7.24 30.54
C ASP C 140 -17.05 6.89 31.73
N ILE C 141 -15.84 7.45 31.79
CA ILE C 141 -14.98 7.18 32.93
C ILE C 141 -15.54 7.85 34.17
N LYS C 142 -15.52 7.12 35.28
CA LYS C 142 -16.04 7.58 36.57
C LYS C 142 -15.59 6.57 37.62
N SER C 143 -15.71 6.96 38.89
CA SER C 143 -15.25 6.04 39.93
C SER C 143 -16.11 4.78 39.98
N ALA C 144 -17.38 4.85 39.57
CA ALA C 144 -18.19 3.63 39.51
C ALA C 144 -17.68 2.62 38.47
N ASN C 145 -16.93 3.08 37.45
CA ASN C 145 -16.41 2.19 36.40
C ASN C 145 -14.97 1.77 36.66
N ILE C 146 -14.45 1.98 37.87
CA ILE C 146 -13.17 1.46 38.28
C ILE C 146 -13.46 0.35 39.28
N LEU C 147 -13.29 -0.90 38.85
CA LEU C 147 -13.57 -2.03 39.72
C LEU C 147 -12.32 -2.44 40.47
N ILE C 148 -12.53 -2.99 41.67
CA ILE C 148 -11.46 -3.24 42.63
C ILE C 148 -11.45 -4.72 42.98
N ASP C 149 -10.26 -5.34 43.01
CA ASP C 149 -10.21 -6.74 43.42
C ASP C 149 -9.79 -6.85 44.88
N LYS C 150 -9.59 -8.10 45.34
CA LYS C 150 -9.31 -8.34 46.76
C LYS C 150 -7.93 -7.83 47.17
N ASN C 151 -7.06 -7.56 46.22
CA ASN C 151 -5.75 -6.98 46.53
C ASN C 151 -5.72 -5.50 46.23
N TYR C 152 -6.89 -4.90 46.00
CA TYR C 152 -7.06 -3.47 45.78
C TYR C 152 -6.39 -3.02 44.50
N ARG C 153 -6.28 -3.91 43.54
CA ARG C 153 -5.86 -3.51 42.21
C ARG C 153 -7.07 -3.06 41.41
N GLY C 154 -6.85 -2.09 40.52
CA GLY C 154 -7.93 -1.42 39.81
C GLY C 154 -8.06 -1.91 38.37
N LYS C 155 -9.31 -1.98 37.89
CA LYS C 155 -9.64 -2.40 36.53
C LYS C 155 -10.72 -1.49 35.98
N VAL C 156 -10.49 -0.96 34.77
CA VAL C 156 -11.47 -0.11 34.10
C VAL C 156 -12.53 -0.96 33.40
N ALA C 157 -13.80 -0.64 33.65
CA ALA C 157 -14.92 -1.38 33.12
C ALA C 157 -15.66 -0.55 32.08
N ASN C 158 -16.31 -1.24 31.13
CA ASN C 158 -17.39 -0.69 30.30
C ASN C 158 -16.89 0.26 29.20
N PHE C 159 -15.67 0.04 28.70
CA PHE C 159 -15.24 0.74 27.48
C PHE C 159 -15.76 0.00 26.26
N GLY C 160 -15.89 0.73 25.15
CA GLY C 160 -16.32 0.13 23.90
C GLY C 160 -17.81 -0.07 23.73
N LEU C 161 -18.64 0.65 24.49
CA LEU C 161 -20.09 0.40 24.50
C LEU C 161 -20.92 1.61 24.12
N THR C 162 -20.32 2.67 23.55
CA THR C 162 -21.06 3.92 23.37
C THR C 162 -22.18 3.77 22.33
N LYS C 163 -21.88 3.20 21.16
CA LYS C 163 -22.88 3.09 20.11
C LYS C 163 -24.12 2.34 20.59
N LEU C 164 -23.99 1.57 21.67
CA LEU C 164 -25.15 0.92 22.27
C LEU C 164 -26.12 1.92 22.87
N THR C 165 -25.61 3.07 23.31
CA THR C 165 -26.44 4.13 23.87
C THR C 165 -26.86 5.15 22.81
N GLU C 166 -26.00 5.42 21.83
CA GLU C 166 -26.21 6.50 20.88
C GLU C 166 -26.75 6.03 19.54
N VAL C 167 -26.33 4.86 19.07
CA VAL C 167 -26.83 4.28 17.83
C VAL C 167 -27.72 3.06 18.09
N GLY C 168 -28.14 2.87 19.34
CA GLY C 168 -28.98 1.74 19.69
C GLY C 168 -29.74 1.93 20.98
N PRO C 173 -29.59 6.37 14.58
CA PRO C 173 -29.10 7.28 15.63
C PRO C 173 -30.21 7.69 16.60
N THR C 174 -30.03 7.41 17.89
CA THR C 174 -31.06 7.70 18.88
C THR C 174 -30.97 9.16 19.34
N GLY C 175 -31.61 9.48 20.45
CA GLY C 175 -31.51 10.81 21.02
C GLY C 175 -30.59 10.90 22.22
N ARG C 176 -29.99 9.77 22.61
CA ARG C 176 -29.16 9.72 23.80
C ARG C 176 -27.71 10.09 23.47
N LEU C 177 -27.11 10.86 24.35
CA LEU C 177 -25.69 11.19 24.29
C LEU C 177 -25.00 10.60 25.52
N VAL C 178 -23.74 10.21 25.36
CA VAL C 178 -23.02 9.46 26.38
C VAL C 178 -22.39 10.43 27.37
N GLY C 179 -22.52 10.13 28.65
CA GLY C 179 -21.81 10.87 29.67
C GLY C 179 -22.52 10.81 31.00
N THR C 180 -21.77 11.19 32.03
CA THR C 180 -22.27 11.19 33.39
C THR C 180 -22.01 12.55 34.00
N PHE C 181 -23.04 13.13 34.61
CA PHE C 181 -22.92 14.48 35.17
C PHE C 181 -21.79 14.54 36.17
N GLY C 182 -20.95 15.58 36.05
CA GLY C 182 -19.79 15.74 36.88
C GLY C 182 -18.49 15.28 36.25
N TYR C 183 -18.55 14.51 35.16
CA TYR C 183 -17.36 13.99 34.49
C TYR C 183 -17.18 14.50 33.08
N MET C 184 -18.07 15.38 32.58
CA MET C 184 -17.95 15.79 31.18
C MET C 184 -17.17 17.09 31.07
N PRO C 185 -16.19 17.17 30.19
CA PRO C 185 -15.43 18.41 30.01
C PRO C 185 -16.29 19.48 29.33
N PRO C 186 -15.89 20.75 29.42
CA PRO C 186 -16.75 21.82 28.87
C PRO C 186 -16.92 21.75 27.37
N GLU C 187 -15.92 21.27 26.63
CA GLU C 187 -16.05 21.24 25.18
C GLU C 187 -17.02 20.15 24.72
N TYR C 188 -17.20 19.09 25.52
CA TYR C 188 -18.22 18.11 25.18
C TYR C 188 -19.61 18.60 25.56
N ALA C 189 -19.74 19.10 26.79
CA ALA C 189 -21.03 19.57 27.29
C ALA C 189 -21.61 20.68 26.43
N GLN C 190 -20.75 21.57 25.93
CA GLN C 190 -21.23 22.75 25.19
C GLN C 190 -21.30 22.53 23.69
N TYR C 191 -20.37 21.75 23.11
CA TYR C 191 -20.29 21.59 21.67
C TYR C 191 -20.37 20.16 21.18
N GLY C 192 -20.31 19.18 22.08
CA GLY C 192 -20.28 17.79 21.67
C GLY C 192 -18.94 17.33 21.13
N ASP C 193 -17.86 18.07 21.36
CA ASP C 193 -16.54 17.66 20.87
C ASP C 193 -16.08 16.42 21.61
N VAL C 194 -15.70 15.39 20.86
CA VAL C 194 -15.23 14.12 21.43
C VAL C 194 -13.79 13.90 21.01
N SER C 195 -12.96 13.53 21.98
CA SER C 195 -11.55 13.24 21.75
C SER C 195 -11.05 12.46 22.96
N PRO C 196 -9.85 11.86 22.88
CA PRO C 196 -9.33 11.17 24.07
C PRO C 196 -9.21 12.08 25.27
N LYS C 197 -9.16 13.39 25.06
CA LYS C 197 -9.09 14.32 26.17
CA LYS C 197 -9.09 14.33 26.16
C LYS C 197 -10.38 14.37 26.99
N VAL C 198 -11.49 13.85 26.46
N VAL C 198 -11.49 13.83 26.48
CA VAL C 198 -12.67 13.70 27.29
CA VAL C 198 -12.65 13.76 27.36
C VAL C 198 -12.40 12.72 28.43
C VAL C 198 -12.41 12.72 28.45
N ASP C 199 -11.68 11.64 28.14
CA ASP C 199 -11.34 10.65 29.17
C ASP C 199 -10.36 11.23 30.18
N VAL C 200 -9.40 12.03 29.70
CA VAL C 200 -8.43 12.65 30.59
C VAL C 200 -9.13 13.52 31.62
N TYR C 201 -10.14 14.29 31.19
CA TYR C 201 -10.89 15.14 32.10
C TYR C 201 -11.58 14.32 33.20
N ALA C 202 -12.32 13.28 32.80
CA ALA C 202 -13.00 12.45 33.79
C ALA C 202 -12.01 11.75 34.72
N PHE C 203 -10.86 11.34 34.19
CA PHE C 203 -9.82 10.75 35.04
C PHE C 203 -9.35 11.75 36.08
N GLY C 204 -9.18 13.02 35.68
CA GLY C 204 -8.87 14.06 36.65
C GLY C 204 -9.90 14.14 37.77
N VAL C 205 -11.19 14.01 37.42
CA VAL C 205 -12.23 13.98 38.45
C VAL C 205 -12.02 12.80 39.39
N VAL C 206 -11.72 11.61 38.84
CA VAL C 206 -11.47 10.46 39.71
C VAL C 206 -10.30 10.75 40.66
N LEU C 207 -9.26 11.40 40.16
CA LEU C 207 -8.15 11.77 41.06
C LEU C 207 -8.63 12.66 42.20
N TYR C 208 -9.48 13.64 41.89
CA TYR C 208 -10.02 14.49 42.94
C TYR C 208 -10.84 13.68 43.93
N GLU C 209 -11.56 12.65 43.45
CA GLU C 209 -12.31 11.79 44.37
C GLU C 209 -11.38 10.99 45.26
N LEU C 210 -10.26 10.53 44.71
CA LEU C 210 -9.31 9.79 45.53
C LEU C 210 -8.77 10.66 46.67
N ILE C 211 -8.56 11.95 46.39
CA ILE C 211 -8.03 12.85 47.40
C ILE C 211 -9.08 13.14 48.48
N SER C 212 -10.31 13.47 48.05
CA SER C 212 -11.32 14.02 48.94
C SER C 212 -12.36 13.00 49.41
N ALA C 213 -12.55 11.91 48.68
CA ALA C 213 -13.66 10.98 48.91
C ALA C 213 -15.02 11.64 48.71
N LYS C 214 -15.07 12.83 48.11
CA LYS C 214 -16.33 13.46 47.79
C LYS C 214 -16.87 12.92 46.47
N ASP C 215 -18.17 13.07 46.28
CA ASP C 215 -18.78 12.77 44.98
C ASP C 215 -18.38 13.82 43.95
N ALA C 216 -18.53 13.43 42.67
CA ALA C 216 -18.15 14.35 41.59
C ALA C 216 -19.02 15.59 41.58
N ILE C 217 -20.24 15.50 42.11
CA ILE C 217 -21.11 16.64 42.40
C ILE C 217 -21.28 16.70 43.90
N VAL C 218 -20.87 17.82 44.50
CA VAL C 218 -20.79 17.94 45.95
C VAL C 218 -22.03 18.67 46.46
N LYS C 219 -22.63 18.13 47.53
CA LYS C 219 -23.87 18.65 48.08
C LYS C 219 -23.70 18.89 49.57
N THR C 220 -24.18 20.04 50.04
CA THR C 220 -24.10 20.39 51.46
C THR C 220 -25.35 19.96 52.21
N SER C 227 -25.38 22.78 45.00
CA SER C 227 -24.46 21.84 44.36
C SER C 227 -23.23 22.57 43.82
N LYS C 228 -22.06 21.98 44.02
CA LYS C 228 -20.82 22.52 43.47
C LYS C 228 -20.01 21.39 42.86
N GLY C 229 -19.44 21.65 41.69
CA GLY C 229 -18.58 20.67 41.06
C GLY C 229 -17.29 20.49 41.85
N LEU C 230 -16.86 19.24 41.98
CA LEU C 230 -15.61 18.95 42.65
C LEU C 230 -14.43 19.64 41.97
N VAL C 231 -14.50 19.79 40.64
CA VAL C 231 -13.38 20.42 39.92
C VAL C 231 -13.30 21.90 40.28
N ALA C 232 -14.44 22.58 40.30
CA ALA C 232 -14.47 24.00 40.69
C ALA C 232 -14.04 24.20 42.14
N LEU C 233 -14.37 23.25 43.02
CA LEU C 233 -13.94 23.34 44.41
C LEU C 233 -12.42 23.33 44.52
N PHE C 234 -11.77 22.37 43.84
CA PHE C 234 -10.32 22.27 43.88
C PHE C 234 -9.65 23.40 43.11
N GLU C 235 -10.26 23.86 42.02
CA GLU C 235 -9.66 24.92 41.21
C GLU C 235 -9.46 26.18 42.04
N GLY C 236 -10.46 26.56 42.84
CA GLY C 236 -10.31 27.73 43.69
C GLY C 236 -9.26 27.54 44.78
N VAL C 237 -9.22 26.35 45.37
CA VAL C 237 -8.24 26.06 46.41
C VAL C 237 -6.82 26.08 45.83
N LEU C 238 -6.63 25.50 44.65
CA LEU C 238 -5.31 25.41 44.06
C LEU C 238 -4.84 26.70 43.40
N SER C 239 -5.73 27.67 43.20
CA SER C 239 -5.35 28.90 42.50
C SER C 239 -4.93 29.96 43.52
N GLN C 240 -3.81 29.68 44.18
CA GLN C 240 -3.19 30.64 45.09
C GLN C 240 -1.73 30.22 45.25
N PRO C 241 -0.88 31.13 45.77
CA PRO C 241 0.56 30.80 45.88
C PRO C 241 0.87 29.58 46.72
N ASP C 242 0.25 29.42 47.89
CA ASP C 242 0.49 28.26 48.76
C ASP C 242 -0.84 27.62 49.15
N PRO C 243 -1.36 26.72 48.32
CA PRO C 243 -2.65 26.08 48.62
C PRO C 243 -2.61 25.00 49.69
N THR C 244 -1.48 24.78 50.38
CA THR C 244 -1.33 23.62 51.24
C THR C 244 -2.44 23.56 52.30
N GLU C 245 -2.65 24.66 53.02
CA GLU C 245 -3.63 24.65 54.11
C GLU C 245 -5.05 24.42 53.60
N ASP C 246 -5.46 25.17 52.56
CA ASP C 246 -6.80 24.97 52.01
C ASP C 246 -6.95 23.60 51.36
N LEU C 247 -5.87 23.06 50.80
CA LEU C 247 -5.96 21.72 50.23
C LEU C 247 -6.18 20.68 51.32
N ARG C 248 -5.49 20.82 52.46
CA ARG C 248 -5.68 19.88 53.56
C ARG C 248 -7.14 19.79 53.96
N LYS C 249 -7.85 20.93 53.98
CA LYS C 249 -9.26 20.94 54.32
C LYS C 249 -10.10 20.07 53.38
N LEU C 250 -9.63 19.81 52.16
CA LEU C 250 -10.39 18.95 51.24
C LEU C 250 -9.94 17.49 51.25
N VAL C 251 -8.85 17.16 51.94
CA VAL C 251 -8.39 15.77 51.98
C VAL C 251 -9.33 14.95 52.85
N ASP C 252 -9.67 13.76 52.35
CA ASP C 252 -10.51 12.80 53.05
C ASP C 252 -10.14 12.68 54.52
N GLN C 253 -11.09 13.02 55.39
CA GLN C 253 -10.80 13.00 56.83
C GLN C 253 -10.46 11.59 57.31
N ARG C 254 -11.02 10.56 56.69
CA ARG C 254 -10.76 9.19 57.10
C ARG C 254 -9.30 8.79 56.89
N LEU C 255 -8.57 9.50 56.02
CA LEU C 255 -7.13 9.32 55.97
C LEU C 255 -6.46 9.77 57.25
N GLY C 256 -7.19 10.44 58.13
CA GLY C 256 -6.54 11.12 59.23
C GLY C 256 -5.46 12.01 58.64
N ASP C 257 -4.26 11.87 59.17
CA ASP C 257 -3.10 12.58 58.66
C ASP C 257 -2.09 11.62 58.01
N ASN C 258 -2.54 10.46 57.55
CA ASN C 258 -1.63 9.42 57.08
C ASN C 258 -1.43 9.56 55.57
N TYR C 259 -0.69 10.60 55.18
CA TYR C 259 -0.38 10.84 53.78
C TYR C 259 0.81 11.76 53.70
N PRO C 260 1.60 11.72 52.63
CA PRO C 260 2.67 12.70 52.45
C PRO C 260 2.11 13.99 51.85
N VAL C 261 2.56 15.12 52.40
CA VAL C 261 2.05 16.40 51.92
C VAL C 261 2.37 16.59 50.43
N ASP C 262 3.60 16.29 50.03
CA ASP C 262 4.01 16.55 48.65
C ASP C 262 3.28 15.63 47.66
N SER C 263 2.93 14.41 48.09
CA SER C 263 2.29 13.47 47.18
C SER C 263 0.84 13.87 46.93
N VAL C 264 0.11 14.26 47.96
CA VAL C 264 -1.24 14.79 47.78
C VAL C 264 -1.22 16.02 46.89
N ARG C 265 -0.22 16.90 47.10
CA ARG C 265 -0.13 18.12 46.29
C ARG C 265 0.10 17.81 44.82
N LYS C 266 0.99 16.86 44.53
CA LYS C 266 1.25 16.49 43.13
C LYS C 266 0.04 15.83 42.49
N MET C 267 -0.70 15.00 43.21
CA MET C 267 -1.88 14.40 42.60
C MET C 267 -2.94 15.47 42.31
N ALA C 268 -3.10 16.41 43.22
CA ALA C 268 -4.08 17.48 43.01
C ALA C 268 -3.71 18.34 41.80
N GLN C 269 -2.43 18.72 41.69
CA GLN C 269 -1.99 19.50 40.53
C GLN C 269 -2.14 18.70 39.25
N LEU C 270 -1.80 17.41 39.29
CA LEU C 270 -2.04 16.55 38.13
C LEU C 270 -3.51 16.58 37.73
N ALA C 271 -4.41 16.46 38.71
CA ALA C 271 -5.84 16.48 38.40
C ALA C 271 -6.28 17.82 37.85
N LYS C 272 -5.65 18.92 38.31
CA LYS C 272 -5.98 20.23 37.75
C LYS C 272 -5.57 20.32 36.29
N ALA C 273 -4.39 19.79 35.97
CA ALA C 273 -3.95 19.78 34.58
C ALA C 273 -4.87 18.94 33.71
N CYS C 274 -5.36 17.82 34.24
CA CYS C 274 -6.30 16.96 33.52
C CYS C 274 -7.66 17.60 33.32
N THR C 275 -8.06 18.54 34.16
CA THR C 275 -9.41 19.09 34.10
C THR C 275 -9.43 20.52 33.57
N GLN C 276 -8.33 21.03 33.01
CA GLN C 276 -8.31 22.38 32.43
C GLN C 276 -9.35 22.54 31.34
N ASP C 277 -9.78 23.79 31.15
CA ASP C 277 -10.76 24.12 30.10
C ASP C 277 -10.27 23.67 28.72
N ASN C 278 -9.03 24.02 28.35
CA ASN C 278 -8.51 23.74 27.01
C ASN C 278 -8.12 22.28 26.89
N PRO C 279 -8.86 21.47 26.13
CA PRO C 279 -8.52 20.05 26.01
C PRO C 279 -7.12 19.79 25.45
N GLN C 280 -6.60 20.67 24.59
CA GLN C 280 -5.27 20.46 24.01
C GLN C 280 -4.15 20.60 25.04
N LEU C 281 -4.42 21.23 26.18
CA LEU C 281 -3.41 21.41 27.22
C LEU C 281 -3.42 20.32 28.28
N ARG C 282 -4.48 19.51 28.32
CA ARG C 282 -4.50 18.38 29.22
C ARG C 282 -3.45 17.35 28.80
N PRO C 283 -2.86 16.64 29.76
CA PRO C 283 -1.83 15.65 29.42
C PRO C 283 -2.43 14.39 28.80
N SER C 284 -1.60 13.68 28.04
CA SER C 284 -1.99 12.36 27.56
C SER C 284 -1.93 11.34 28.71
N MET C 285 -2.63 10.22 28.53
CA MET C 285 -2.58 9.18 29.56
C MET C 285 -1.16 8.68 29.78
N ARG C 286 -0.36 8.64 28.72
CA ARG C 286 1.03 8.24 28.87
C ARG C 286 1.78 9.16 29.83
N SER C 287 1.63 10.48 29.67
CA SER C 287 2.28 11.41 30.59
C SER C 287 1.68 11.32 31.98
N ILE C 288 0.39 10.98 32.07
CA ILE C 288 -0.26 10.83 33.37
C ILE C 288 0.34 9.64 34.13
N VAL C 289 0.58 8.53 33.43
CA VAL C 289 1.20 7.37 34.06
C VAL C 289 2.59 7.72 34.57
N VAL C 290 3.37 8.42 33.75
CA VAL C 290 4.71 8.84 34.16
C VAL C 290 4.64 9.64 35.46
N ALA C 291 3.69 10.58 35.54
CA ALA C 291 3.59 11.43 36.72
C ALA C 291 3.13 10.65 37.95
N LEU C 292 2.15 9.76 37.79
CA LEU C 292 1.69 8.96 38.92
C LEU C 292 2.78 8.03 39.44
N MET C 293 3.62 7.53 38.54
CA MET C 293 4.71 6.66 38.96
C MET C 293 5.70 7.36 39.87
N THR C 294 5.76 8.70 39.84
CA THR C 294 6.67 9.41 40.73
C THR C 294 6.12 9.47 42.16
N LEU C 295 4.84 9.16 42.35
CA LEU C 295 4.28 9.10 43.70
C LEU C 295 4.34 7.71 44.31
N SER C 296 4.57 6.68 43.49
CA SER C 296 4.55 5.30 43.97
C SER C 296 5.66 5.03 44.98
N SER C 297 5.30 4.92 46.25
CA SER C 297 6.25 4.67 47.32
C SER C 297 5.54 4.24 48.60
N ASP D 4 22.34 -13.05 -28.73
CA ASP D 4 23.14 -12.16 -27.89
C ASP D 4 23.35 -12.74 -26.51
N LYS D 5 24.62 -12.99 -26.16
CA LYS D 5 24.95 -13.60 -24.87
C LYS D 5 24.50 -12.76 -23.68
N SER D 6 24.04 -11.52 -23.90
CA SER D 6 23.40 -10.78 -22.82
C SER D 6 22.00 -11.31 -22.56
N VAL D 7 21.26 -11.65 -23.63
CA VAL D 7 20.02 -12.37 -23.51
C VAL D 7 20.18 -13.86 -23.80
N GLU D 8 21.40 -14.32 -24.03
CA GLU D 8 21.65 -15.74 -24.22
C GLU D 8 22.35 -16.31 -23.00
N PHE D 9 22.00 -17.55 -22.68
CA PHE D 9 22.58 -18.24 -21.54
C PHE D 9 23.23 -19.53 -22.02
N SER D 10 24.40 -19.84 -21.47
CA SER D 10 24.98 -21.15 -21.69
C SER D 10 24.16 -22.21 -20.97
N TYR D 11 24.35 -23.47 -21.36
CA TYR D 11 23.66 -24.55 -20.68
C TYR D 11 24.16 -24.71 -19.24
N ASP D 12 25.45 -24.47 -19.01
CA ASP D 12 26.03 -24.77 -17.71
C ASP D 12 25.58 -23.79 -16.64
N GLU D 13 25.44 -22.50 -16.99
CA GLU D 13 24.91 -21.56 -16.01
C GLU D 13 23.46 -21.88 -15.67
N LEU D 14 22.71 -22.40 -16.64
CA LEU D 14 21.35 -22.88 -16.35
C LEU D 14 21.39 -24.13 -15.49
N ALA D 15 22.30 -25.05 -15.79
CA ALA D 15 22.40 -26.29 -15.02
C ALA D 15 22.88 -26.01 -13.60
N THR D 16 23.88 -25.13 -13.45
CA THR D 16 24.35 -24.81 -12.10
C THR D 16 23.25 -24.13 -11.29
N ALA D 17 22.47 -23.25 -11.93
CA ALA D 17 21.40 -22.58 -11.21
C ALA D 17 20.21 -23.48 -10.93
N THR D 18 20.09 -24.62 -11.62
CA THR D 18 19.01 -25.57 -11.36
C THR D 18 19.51 -26.85 -10.72
N ASP D 19 20.75 -26.89 -10.23
CA ASP D 19 21.38 -28.09 -9.70
C ASP D 19 21.23 -29.25 -10.69
N ASN D 20 21.76 -29.02 -11.89
CA ASN D 20 21.63 -29.96 -13.01
C ASN D 20 20.16 -30.32 -13.25
N PHE D 21 19.32 -29.30 -13.31
CA PHE D 21 17.88 -29.44 -13.55
C PHE D 21 17.26 -30.46 -12.60
N SER D 22 17.51 -30.25 -11.31
CA SER D 22 16.97 -31.11 -10.28
C SER D 22 15.44 -31.05 -10.25
N LEU D 23 14.83 -32.12 -9.77
CA LEU D 23 13.38 -32.16 -9.63
C LEU D 23 12.88 -31.33 -8.45
N ALA D 24 13.78 -30.88 -7.57
CA ALA D 24 13.38 -29.97 -6.50
C ALA D 24 13.13 -28.56 -7.02
N ASN D 25 13.69 -28.21 -8.17
CA ASN D 25 13.45 -26.91 -8.78
C ASN D 25 12.30 -26.93 -9.77
N LYS D 26 11.66 -28.08 -9.96
CA LYS D 26 10.55 -28.18 -10.91
C LYS D 26 9.30 -27.52 -10.33
N ILE D 27 8.73 -26.58 -11.08
CA ILE D 27 7.58 -25.81 -10.61
C ILE D 27 6.31 -26.57 -10.96
N GLY D 28 5.44 -26.75 -9.96
CA GLY D 28 4.18 -27.45 -10.15
C GLY D 28 4.35 -28.94 -10.41
N GLY D 33 5.24 -27.74 -15.26
CA GLY D 33 5.19 -28.52 -16.48
C GLY D 33 6.45 -28.37 -17.32
N SER D 34 7.48 -29.13 -16.95
CA SER D 34 8.81 -29.04 -17.55
C SER D 34 9.42 -27.65 -17.35
N VAL D 35 9.08 -27.00 -16.24
CA VAL D 35 9.55 -25.66 -15.91
C VAL D 35 10.33 -25.73 -14.60
N TYR D 36 11.46 -25.03 -14.56
CA TYR D 36 12.36 -25.06 -13.42
C TYR D 36 12.61 -23.66 -12.90
N TYR D 37 12.54 -23.50 -11.58
CA TYR D 37 12.88 -22.25 -10.94
C TYR D 37 14.40 -22.10 -10.87
N ALA D 38 14.86 -20.85 -10.98
CA ALA D 38 16.28 -20.56 -10.83
C ALA D 38 16.45 -19.09 -10.47
N GLU D 39 17.51 -18.80 -9.73
CA GLU D 39 17.93 -17.43 -9.45
C GLU D 39 19.10 -17.13 -10.36
N LEU D 40 18.86 -16.32 -11.40
CA LEU D 40 19.80 -16.13 -12.49
C LEU D 40 20.12 -14.64 -12.62
N ARG D 41 21.38 -14.29 -12.33
CA ARG D 41 21.87 -12.91 -12.50
C ARG D 41 20.99 -11.92 -11.73
N GLY D 42 20.70 -12.26 -10.48
CA GLY D 42 19.92 -11.41 -9.61
C GLY D 42 18.42 -11.47 -9.82
N GLU D 43 17.93 -12.28 -10.74
CA GLU D 43 16.52 -12.32 -11.08
C GLU D 43 15.94 -13.71 -10.85
N ARG D 44 14.72 -13.75 -10.33
CA ARG D 44 13.97 -14.99 -10.19
C ARG D 44 13.42 -15.39 -11.55
N ALA D 45 13.71 -16.61 -11.98
CA ALA D 45 13.44 -17.03 -13.35
C ALA D 45 12.73 -18.38 -13.38
N ALA D 46 12.00 -18.61 -14.47
CA ALA D 46 11.40 -19.90 -14.77
C ALA D 46 11.97 -20.37 -16.10
N ILE D 47 12.65 -21.51 -16.08
CA ILE D 47 13.33 -22.05 -17.25
C ILE D 47 12.52 -23.20 -17.81
N LYS D 48 12.24 -23.17 -19.10
CA LYS D 48 11.50 -24.23 -19.77
C LYS D 48 12.27 -24.73 -20.98
N LYS D 49 12.55 -26.03 -21.02
CA LYS D 49 13.06 -26.68 -22.22
C LYS D 49 11.91 -26.91 -23.19
N MET D 50 12.12 -26.55 -24.45
CA MET D 50 11.09 -26.77 -25.46
C MET D 50 11.19 -28.14 -26.10
N ASP D 51 12.38 -28.73 -26.14
CA ASP D 51 12.59 -30.07 -26.70
C ASP D 51 12.21 -30.12 -28.18
N MET D 52 12.56 -29.06 -28.91
CA MET D 52 12.37 -29.00 -30.36
C MET D 52 13.30 -27.93 -30.95
N GLN D 53 14.52 -27.88 -30.45
CA GLN D 53 15.44 -26.78 -30.76
C GLN D 53 15.80 -26.75 -32.24
N ALA D 54 15.64 -25.56 -32.85
CA ALA D 54 16.10 -25.26 -34.20
C ALA D 54 15.91 -23.78 -34.48
N SER D 55 16.97 -23.10 -34.88
CA SER D 55 16.95 -21.64 -35.06
C SER D 55 16.54 -21.28 -36.48
N LYS D 56 15.30 -21.62 -36.84
CA LYS D 56 14.74 -21.29 -38.15
C LYS D 56 14.28 -19.84 -38.14
N GLU D 57 15.26 -18.93 -38.10
CA GLU D 57 15.04 -17.49 -37.97
C GLU D 57 14.31 -17.13 -36.69
N PHE D 58 13.84 -18.15 -35.95
CA PHE D 58 13.21 -17.92 -34.66
C PHE D 58 14.17 -17.26 -33.68
N LEU D 59 15.47 -17.45 -33.88
CA LEU D 59 16.48 -16.80 -33.05
C LEU D 59 16.30 -15.28 -33.07
N ALA D 60 16.18 -14.69 -34.27
CA ALA D 60 15.91 -13.27 -34.37
C ALA D 60 14.54 -12.93 -33.79
N GLU D 61 13.55 -13.78 -34.04
CA GLU D 61 12.24 -13.60 -33.43
C GLU D 61 12.33 -13.63 -31.91
N LEU D 62 13.22 -14.47 -31.37
CA LEU D 62 13.37 -14.57 -29.92
C LEU D 62 13.98 -13.32 -29.34
N LYS D 63 15.02 -12.78 -29.98
CA LYS D 63 15.61 -11.53 -29.54
C LYS D 63 14.57 -10.42 -29.50
N VAL D 64 13.79 -10.30 -30.57
CA VAL D 64 12.68 -9.34 -30.60
C VAL D 64 11.79 -9.53 -29.38
N LEU D 65 11.43 -10.79 -29.08
CA LEU D 65 10.57 -11.08 -27.94
C LEU D 65 11.17 -10.60 -26.63
N THR D 66 12.50 -10.63 -26.51
CA THR D 66 13.13 -10.16 -25.27
C THR D 66 12.98 -8.66 -25.09
N ARG D 67 12.64 -7.92 -26.15
CA ARG D 67 12.48 -6.48 -26.05
C ARG D 67 11.12 -6.08 -25.51
N VAL D 68 10.14 -6.98 -25.55
CA VAL D 68 8.79 -6.66 -25.07
C VAL D 68 8.82 -6.54 -23.55
N HIS D 69 8.36 -5.41 -23.03
CA HIS D 69 8.40 -5.12 -21.60
C HIS D 69 7.08 -4.45 -21.24
N HIS D 70 6.26 -5.12 -20.45
CA HIS D 70 4.94 -4.64 -20.09
C HIS D 70 4.56 -5.27 -18.76
N LEU D 71 3.95 -4.48 -17.88
CA LEU D 71 3.60 -4.99 -16.55
C LEU D 71 2.61 -6.14 -16.62
N ASN D 72 1.86 -6.25 -17.72
CA ASN D 72 0.84 -7.28 -17.86
C ASN D 72 1.21 -8.34 -18.88
N LEU D 73 2.49 -8.47 -19.22
CA LEU D 73 2.98 -9.58 -20.02
C LEU D 73 4.15 -10.23 -19.31
N VAL D 74 4.17 -11.57 -19.33
CA VAL D 74 5.31 -12.29 -18.76
C VAL D 74 6.53 -12.03 -19.63
N ARG D 75 7.59 -11.52 -19.01
CA ARG D 75 8.77 -11.10 -19.75
C ARG D 75 9.66 -12.30 -20.10
N LEU D 76 10.18 -12.30 -21.31
CA LEU D 76 11.18 -13.28 -21.72
C LEU D 76 12.55 -12.71 -21.37
N ILE D 77 13.19 -13.26 -20.34
CA ILE D 77 14.50 -12.78 -19.92
C ILE D 77 15.56 -13.14 -20.94
N GLY D 78 15.53 -14.37 -21.43
CA GLY D 78 16.52 -14.81 -22.37
C GLY D 78 16.26 -16.19 -22.94
N TYR D 79 17.32 -16.85 -23.37
CA TYR D 79 17.22 -18.14 -24.03
C TYR D 79 18.57 -18.82 -24.00
N SER D 80 18.59 -20.08 -24.43
CA SER D 80 19.83 -20.86 -24.56
C SER D 80 19.78 -21.60 -25.88
N ILE D 81 20.68 -21.27 -26.79
CA ILE D 81 20.71 -21.93 -28.09
C ILE D 81 21.42 -23.28 -28.00
N GLU D 82 22.41 -23.40 -27.11
CA GLU D 82 23.19 -24.62 -27.02
C GLU D 82 22.32 -25.79 -26.57
N GLY D 83 22.62 -26.97 -27.12
CA GLY D 83 21.84 -28.15 -26.80
C GLY D 83 20.43 -28.00 -27.32
N SER D 84 19.44 -28.21 -26.44
CA SER D 84 18.06 -27.98 -26.78
C SER D 84 17.70 -26.51 -26.49
N LEU D 85 16.48 -26.12 -26.85
CA LEU D 85 16.03 -24.76 -26.64
C LEU D 85 15.49 -24.63 -25.23
N PHE D 86 16.01 -23.65 -24.48
CA PHE D 86 15.54 -23.31 -23.14
C PHE D 86 15.14 -21.85 -23.16
N LEU D 87 13.88 -21.59 -22.80
CA LEU D 87 13.37 -20.23 -22.68
C LEU D 87 13.38 -19.83 -21.21
N VAL D 88 13.91 -18.64 -20.94
CA VAL D 88 14.09 -18.14 -19.58
C VAL D 88 13.13 -16.97 -19.37
N TYR D 89 12.11 -17.20 -18.56
CA TYR D 89 11.08 -16.21 -18.29
C TYR D 89 11.19 -15.69 -16.86
N GLU D 90 10.69 -14.48 -16.64
CA GLU D 90 10.52 -14.02 -15.26
C GLU D 90 9.58 -14.98 -14.53
N PHE D 91 9.89 -15.24 -13.26
CA PHE D 91 9.10 -16.16 -12.44
C PHE D 91 7.92 -15.40 -11.83
N ILE D 92 6.72 -15.87 -12.09
CA ILE D 92 5.49 -15.31 -11.51
C ILE D 92 5.04 -16.27 -10.42
N GLU D 93 4.90 -15.77 -9.19
CA GLU D 93 4.96 -16.65 -8.03
C GLU D 93 3.62 -17.23 -7.58
N ASN D 94 2.49 -16.83 -8.17
CA ASN D 94 1.22 -17.21 -7.56
C ASN D 94 0.32 -17.95 -8.55
N GLY D 95 0.88 -18.87 -9.32
CA GLY D 95 0.08 -19.76 -10.15
C GLY D 95 -0.57 -19.07 -11.34
N ASN D 96 -1.64 -19.70 -11.83
CA ASN D 96 -2.37 -19.17 -12.98
C ASN D 96 -3.85 -19.03 -12.65
N LEU D 97 -4.57 -18.33 -13.53
CA LEU D 97 -5.97 -18.00 -13.26
C LEU D 97 -6.83 -19.26 -13.13
N SER D 98 -6.57 -20.29 -13.94
CA SER D 98 -7.36 -21.52 -13.81
CA SER D 98 -7.35 -21.53 -13.82
C SER D 98 -7.26 -22.10 -12.41
N GLN D 99 -6.04 -22.17 -11.87
CA GLN D 99 -5.86 -22.73 -10.54
C GLN D 99 -6.62 -21.95 -9.49
N HIS D 100 -6.63 -20.61 -9.62
CA HIS D 100 -7.34 -19.79 -8.65
C HIS D 100 -8.85 -19.95 -8.76
N LEU D 101 -9.38 -20.24 -9.95
CA LEU D 101 -10.83 -20.36 -10.13
C LEU D 101 -11.35 -21.77 -9.86
N ARG D 102 -10.55 -22.80 -10.11
CA ARG D 102 -11.03 -24.17 -10.02
C ARG D 102 -10.12 -25.11 -9.24
N GLY D 103 -8.85 -24.76 -9.03
CA GLY D 103 -7.97 -25.63 -8.29
C GLY D 103 -8.23 -25.59 -6.80
N SER D 104 -8.00 -26.72 -6.15
CA SER D 104 -8.15 -26.80 -4.70
C SER D 104 -6.91 -26.25 -4.01
N GLY D 105 -7.05 -25.99 -2.72
CA GLY D 105 -5.98 -25.38 -1.95
C GLY D 105 -5.87 -23.88 -2.07
N ARG D 106 -6.86 -23.22 -2.68
CA ARG D 106 -6.85 -21.78 -2.85
C ARG D 106 -8.22 -21.21 -2.52
N ASP D 107 -8.25 -20.06 -1.88
CA ASP D 107 -9.50 -19.39 -1.55
C ASP D 107 -10.11 -18.79 -2.83
N PRO D 108 -11.41 -18.52 -2.81
CA PRO D 108 -12.04 -17.90 -3.99
C PRO D 108 -11.49 -16.50 -4.22
N LEU D 109 -11.46 -16.11 -5.49
CA LEU D 109 -11.05 -14.75 -5.83
C LEU D 109 -12.22 -13.80 -5.59
N PRO D 110 -12.03 -12.72 -4.85
CA PRO D 110 -13.10 -11.73 -4.70
C PRO D 110 -13.41 -11.07 -6.03
N TRP D 111 -14.66 -10.62 -6.18
CA TRP D 111 -15.10 -10.08 -7.47
C TRP D 111 -14.24 -8.90 -7.91
N ALA D 112 -13.89 -8.00 -6.99
CA ALA D 112 -13.06 -6.86 -7.36
C ALA D 112 -11.71 -7.33 -7.90
N THR D 113 -11.16 -8.40 -7.33
CA THR D 113 -9.89 -8.92 -7.81
C THR D 113 -10.04 -9.55 -9.19
N ARG D 114 -11.19 -10.18 -9.48
CA ARG D 114 -11.39 -10.74 -10.81
C ARG D 114 -11.49 -9.64 -11.86
N VAL D 115 -12.12 -8.52 -11.49
CA VAL D 115 -12.18 -7.37 -12.41
C VAL D 115 -10.77 -6.88 -12.73
N GLN D 116 -9.95 -6.71 -11.69
CA GLN D 116 -8.58 -6.24 -11.87
C GLN D 116 -7.77 -7.20 -12.75
N ILE D 117 -7.96 -8.52 -12.56
CA ILE D 117 -7.24 -9.49 -13.39
C ILE D 117 -7.69 -9.41 -14.84
N ALA D 118 -9.00 -9.25 -15.07
CA ALA D 118 -9.49 -9.08 -16.43
C ALA D 118 -8.90 -7.82 -17.07
N LEU D 119 -8.94 -6.70 -16.33
CA LEU D 119 -8.39 -5.46 -16.86
C LEU D 119 -6.89 -5.60 -17.14
N ASP D 120 -6.15 -6.21 -16.20
CA ASP D 120 -4.71 -6.45 -16.41
C ASP D 120 -4.47 -7.25 -17.69
N SER D 121 -5.22 -8.35 -17.86
CA SER D 121 -5.04 -9.21 -19.03
C SER D 121 -5.41 -8.46 -20.30
N ALA D 122 -6.45 -7.64 -20.25
CA ALA D 122 -6.88 -6.93 -21.45
C ALA D 122 -5.84 -5.89 -21.88
N ARG D 123 -5.26 -5.16 -20.92
CA ARG D 123 -4.21 -4.20 -21.25
CA ARG D 123 -4.21 -4.19 -21.26
C ARG D 123 -3.02 -4.88 -21.90
N GLY D 124 -2.64 -6.06 -21.40
CA GLY D 124 -1.55 -6.79 -22.03
C GLY D 124 -1.86 -7.14 -23.48
N LEU D 125 -3.08 -7.60 -23.74
CA LEU D 125 -3.50 -7.93 -25.10
C LEU D 125 -3.62 -6.69 -25.96
N GLU D 126 -4.17 -5.61 -25.40
CA GLU D 126 -4.20 -4.33 -26.09
C GLU D 126 -2.80 -3.93 -26.55
N TYR D 127 -1.80 -4.15 -25.70
CA TYR D 127 -0.43 -3.76 -26.05
C TYR D 127 0.08 -4.58 -27.23
N ILE D 128 -0.10 -5.90 -27.21
CA ILE D 128 0.41 -6.68 -28.33
C ILE D 128 -0.42 -6.46 -29.59
N HIS D 129 -1.71 -6.14 -29.46
CA HIS D 129 -2.53 -5.93 -30.67
C HIS D 129 -2.21 -4.62 -31.36
N GLU D 130 -1.84 -3.58 -30.60
CA GLU D 130 -1.79 -2.23 -31.15
C GLU D 130 -0.45 -1.53 -31.05
N HIS D 131 0.43 -1.90 -30.13
CA HIS D 131 1.58 -1.05 -29.85
C HIS D 131 2.94 -1.72 -30.04
N THR D 132 3.03 -3.05 -30.00
CA THR D 132 4.34 -3.66 -30.22
C THR D 132 4.75 -3.55 -31.67
N VAL D 133 6.05 -3.62 -31.89
CA VAL D 133 6.64 -3.58 -33.21
C VAL D 133 7.43 -4.88 -33.41
N PRO D 134 6.88 -5.83 -34.17
CA PRO D 134 5.58 -5.78 -34.85
C PRO D 134 4.41 -6.10 -33.92
N VAL D 135 3.17 -5.93 -34.36
CA VAL D 135 2.02 -6.32 -33.54
C VAL D 135 1.89 -7.84 -33.57
N TYR D 136 1.36 -8.39 -32.47
CA TYR D 136 1.18 -9.83 -32.31
C TYR D 136 -0.29 -10.19 -32.23
N ILE D 137 -0.61 -11.39 -32.69
CA ILE D 137 -1.84 -12.10 -32.33
C ILE D 137 -1.43 -13.27 -31.44
N HIS D 138 -2.00 -13.34 -30.24
CA HIS D 138 -1.54 -14.36 -29.29
C HIS D 138 -1.86 -15.76 -29.78
N ARG D 139 -3.13 -16.02 -30.10
CA ARG D 139 -3.69 -17.24 -30.65
C ARG D 139 -3.85 -18.38 -29.64
N ASP D 140 -3.40 -18.23 -28.38
CA ASP D 140 -3.67 -19.24 -27.36
C ASP D 140 -4.03 -18.58 -26.02
N ILE D 141 -4.89 -17.56 -26.08
CA ILE D 141 -5.41 -16.95 -24.86
C ILE D 141 -6.31 -17.95 -24.14
N LYS D 142 -6.10 -18.10 -22.84
CA LYS D 142 -6.90 -19.01 -22.01
C LYS D 142 -6.53 -18.72 -20.56
N SER D 143 -7.37 -19.20 -19.64
CA SER D 143 -7.13 -18.93 -18.23
C SER D 143 -5.81 -19.53 -17.74
N ALA D 144 -5.36 -20.63 -18.35
CA ALA D 144 -4.08 -21.18 -17.92
C ALA D 144 -2.89 -20.30 -18.35
N ASN D 145 -3.09 -19.39 -19.30
CA ASN D 145 -2.03 -18.50 -19.75
C ASN D 145 -2.10 -17.13 -19.08
N ILE D 146 -2.93 -16.95 -18.08
CA ILE D 146 -2.96 -15.73 -17.28
C ILE D 146 -2.29 -16.05 -15.95
N LEU D 147 -1.09 -15.53 -15.76
CA LEU D 147 -0.35 -15.81 -14.54
C LEU D 147 -0.62 -14.72 -13.52
N ILE D 148 -0.62 -15.11 -12.25
CA ILE D 148 -1.03 -14.27 -11.14
C ILE D 148 0.17 -14.09 -10.20
N ASP D 149 0.43 -12.86 -9.78
CA ASP D 149 1.56 -12.59 -8.90
C ASP D 149 1.08 -12.51 -7.44
N LYS D 150 1.99 -12.13 -6.55
CA LYS D 150 1.66 -12.11 -5.12
C LYS D 150 0.62 -11.05 -4.78
N ASN D 151 0.58 -9.96 -5.54
CA ASN D 151 -0.42 -8.92 -5.35
C ASN D 151 -1.67 -9.15 -6.20
N TYR D 152 -1.86 -10.39 -6.68
CA TYR D 152 -3.02 -10.76 -7.50
C TYR D 152 -3.16 -9.89 -8.73
N ARG D 153 -2.03 -9.51 -9.31
CA ARG D 153 -2.06 -8.87 -10.61
C ARG D 153 -1.85 -9.92 -11.69
N GLY D 154 -2.34 -9.62 -12.89
CA GLY D 154 -2.36 -10.58 -13.99
C GLY D 154 -1.33 -10.26 -15.02
N LYS D 155 -0.72 -11.30 -15.62
CA LYS D 155 0.23 -11.17 -16.70
C LYS D 155 -0.04 -12.26 -17.72
N VAL D 156 -0.17 -11.87 -19.00
CA VAL D 156 -0.41 -12.82 -20.08
C VAL D 156 0.91 -13.49 -20.47
N ALA D 157 0.91 -14.82 -20.53
CA ALA D 157 2.11 -15.58 -20.88
C ALA D 157 1.99 -16.18 -22.28
N ASN D 158 3.14 -16.46 -22.89
CA ASN D 158 3.27 -17.33 -24.05
C ASN D 158 2.80 -16.68 -25.36
N PHE D 159 2.91 -15.36 -25.49
CA PHE D 159 2.62 -14.75 -26.77
C PHE D 159 3.85 -14.85 -27.67
N GLY D 160 3.62 -14.86 -28.99
CA GLY D 160 4.71 -14.95 -29.94
C GLY D 160 5.38 -16.31 -30.05
N LEU D 161 4.76 -17.37 -29.54
CA LEU D 161 5.35 -18.71 -29.60
C LEU D 161 4.68 -19.60 -30.64
N THR D 162 3.98 -19.01 -31.62
CA THR D 162 3.20 -19.81 -32.56
C THR D 162 4.07 -20.47 -33.62
N LYS D 163 5.13 -19.77 -34.07
CA LYS D 163 5.99 -20.35 -35.10
C LYS D 163 6.58 -21.68 -34.67
N LEU D 164 6.80 -21.86 -33.37
CA LEU D 164 7.26 -23.15 -32.87
C LEU D 164 6.27 -24.25 -33.21
N THR D 165 4.97 -24.01 -32.97
CA THR D 165 3.97 -25.03 -33.25
C THR D 165 3.81 -25.25 -34.74
N GLU D 166 3.77 -24.17 -35.53
CA GLU D 166 3.55 -24.24 -36.98
C GLU D 166 4.85 -24.27 -37.76
N VAL D 167 5.81 -25.10 -37.35
CA VAL D 167 7.09 -25.17 -38.05
C VAL D 167 7.02 -26.25 -39.13
N GLY D 168 6.29 -25.95 -40.20
CA GLY D 168 6.12 -26.90 -41.30
C GLY D 168 6.54 -26.34 -42.64
N PRO D 173 3.23 -33.56 -42.29
CA PRO D 173 2.73 -34.79 -41.67
C PRO D 173 1.21 -34.91 -41.73
N THR D 174 0.52 -34.12 -40.91
CA THR D 174 -0.93 -34.11 -40.86
C THR D 174 -1.39 -32.66 -40.72
N GLY D 175 -2.67 -32.44 -40.95
CA GLY D 175 -3.25 -31.13 -40.69
C GLY D 175 -2.99 -30.70 -39.26
N ARG D 176 -2.74 -29.40 -39.08
CA ARG D 176 -2.25 -28.86 -37.82
C ARG D 176 -3.15 -27.72 -37.34
N LEU D 177 -3.22 -27.59 -36.02
CA LEU D 177 -4.05 -26.59 -35.38
C LEU D 177 -3.26 -25.94 -34.25
N VAL D 178 -3.26 -24.62 -34.22
CA VAL D 178 -2.83 -23.85 -33.06
C VAL D 178 -4.07 -23.44 -32.28
N GLY D 179 -4.12 -23.79 -31.01
CA GLY D 179 -5.20 -23.31 -30.16
C GLY D 179 -5.49 -24.32 -29.07
N THR D 180 -6.53 -24.01 -28.29
CA THR D 180 -6.97 -24.84 -27.19
C THR D 180 -8.48 -25.00 -27.30
N PHE D 181 -8.95 -26.24 -27.20
CA PHE D 181 -10.37 -26.51 -27.24
C PHE D 181 -11.13 -25.65 -26.24
N GLY D 182 -12.28 -25.13 -26.66
CA GLY D 182 -13.08 -24.25 -25.84
C GLY D 182 -12.80 -22.77 -26.02
N TYR D 183 -11.71 -22.41 -26.69
CA TYR D 183 -11.35 -21.02 -26.87
C TYR D 183 -11.26 -20.60 -28.33
N MET D 184 -11.58 -21.49 -29.26
CA MET D 184 -11.39 -21.18 -30.69
C MET D 184 -12.68 -20.65 -31.28
N PRO D 185 -12.64 -19.48 -31.93
CA PRO D 185 -13.85 -18.91 -32.51
C PRO D 185 -14.32 -19.72 -33.71
N PRO D 186 -15.59 -19.57 -34.10
CA PRO D 186 -16.11 -20.40 -35.21
C PRO D 186 -15.37 -20.17 -36.52
N GLU D 187 -15.00 -18.93 -36.85
CA GLU D 187 -14.36 -18.68 -38.14
C GLU D 187 -13.00 -19.36 -38.24
N TYR D 188 -12.34 -19.59 -37.10
CA TYR D 188 -11.04 -20.25 -37.13
C TYR D 188 -11.20 -21.77 -37.26
N ALA D 189 -11.96 -22.38 -36.35
CA ALA D 189 -12.20 -23.82 -36.43
C ALA D 189 -12.70 -24.23 -37.80
N GLN D 190 -13.60 -23.45 -38.41
CA GLN D 190 -14.24 -23.89 -39.64
C GLN D 190 -13.47 -23.49 -40.90
N TYR D 191 -12.76 -22.36 -40.87
CA TYR D 191 -12.06 -21.83 -42.03
C TYR D 191 -10.57 -21.63 -41.83
N GLY D 192 -10.06 -21.65 -40.60
CA GLY D 192 -8.67 -21.31 -40.38
C GLY D 192 -8.40 -19.82 -40.44
N ASP D 193 -9.42 -18.99 -40.33
CA ASP D 193 -9.26 -17.54 -40.38
C ASP D 193 -8.60 -17.05 -39.10
N VAL D 194 -7.52 -16.28 -39.25
CA VAL D 194 -6.78 -15.73 -38.13
C VAL D 194 -6.85 -14.21 -38.20
N SER D 195 -7.18 -13.59 -37.07
CA SER D 195 -7.21 -12.14 -36.95
C SER D 195 -7.16 -11.83 -35.46
N PRO D 196 -6.95 -10.56 -35.09
CA PRO D 196 -6.99 -10.22 -33.66
C PRO D 196 -8.27 -10.62 -32.97
N LYS D 197 -9.38 -10.77 -33.71
N LYS D 197 -9.37 -10.78 -33.72
CA LYS D 197 -10.65 -11.15 -33.11
CA LYS D 197 -10.66 -11.16 -33.14
C LYS D 197 -10.65 -12.57 -32.57
C LYS D 197 -10.65 -12.56 -32.56
N VAL D 198 -9.66 -13.38 -32.92
CA VAL D 198 -9.52 -14.69 -32.28
C VAL D 198 -9.16 -14.54 -30.81
N ASP D 199 -8.27 -13.59 -30.50
CA ASP D 199 -7.92 -13.34 -29.11
C ASP D 199 -9.10 -12.73 -28.37
N VAL D 200 -9.86 -11.87 -29.04
CA VAL D 200 -11.04 -11.27 -28.43
C VAL D 200 -12.03 -12.34 -28.04
N TYR D 201 -12.27 -13.30 -28.94
CA TYR D 201 -13.16 -14.42 -28.62
C TYR D 201 -12.68 -15.17 -27.38
N ALA D 202 -11.41 -15.61 -27.41
CA ALA D 202 -10.86 -16.35 -26.28
C ALA D 202 -10.93 -15.52 -25.00
N PHE D 203 -10.64 -14.22 -25.08
CA PHE D 203 -10.74 -13.37 -23.89
C PHE D 203 -12.17 -13.36 -23.36
N GLY D 204 -13.16 -13.34 -24.25
CA GLY D 204 -14.54 -13.44 -23.82
C GLY D 204 -14.82 -14.72 -23.06
N VAL D 205 -14.21 -15.83 -23.47
CA VAL D 205 -14.37 -17.07 -22.72
C VAL D 205 -13.78 -16.91 -21.32
N VAL D 206 -12.62 -16.26 -21.22
CA VAL D 206 -12.02 -16.01 -19.92
C VAL D 206 -12.94 -15.21 -19.02
N LEU D 207 -13.59 -14.17 -19.57
CA LEU D 207 -14.55 -13.41 -18.79
C LEU D 207 -15.69 -14.30 -18.29
N TYR D 208 -16.15 -15.24 -19.11
CA TYR D 208 -17.16 -16.18 -18.66
C TYR D 208 -16.64 -17.08 -17.54
N GLU D 209 -15.36 -17.46 -17.61
CA GLU D 209 -14.76 -18.23 -16.53
C GLU D 209 -14.69 -17.42 -15.25
N LEU D 210 -14.34 -16.14 -15.35
CA LEU D 210 -14.28 -15.30 -14.15
C LEU D 210 -15.62 -15.22 -13.46
N ILE D 211 -16.70 -15.11 -14.24
CA ILE D 211 -18.04 -14.99 -13.67
C ILE D 211 -18.48 -16.31 -13.05
N SER D 212 -18.26 -17.42 -13.76
CA SER D 212 -18.86 -18.70 -13.40
C SER D 212 -17.91 -19.71 -12.79
N ALA D 213 -16.59 -19.53 -12.94
CA ALA D 213 -15.58 -20.48 -12.45
C ALA D 213 -15.69 -21.84 -13.11
N LYS D 214 -16.46 -21.94 -14.20
CA LYS D 214 -16.54 -23.18 -14.97
C LYS D 214 -15.40 -23.25 -15.99
N ASP D 215 -15.03 -24.48 -16.34
CA ASP D 215 -14.05 -24.70 -17.39
C ASP D 215 -14.61 -24.25 -18.73
N ALA D 216 -13.71 -23.97 -19.68
CA ALA D 216 -14.14 -23.56 -21.00
C ALA D 216 -14.86 -24.68 -21.74
N ILE D 217 -14.43 -25.92 -21.54
CA ILE D 217 -14.97 -27.07 -22.28
C ILE D 217 -16.05 -27.80 -21.51
N VAL D 218 -16.64 -27.15 -20.51
CA VAL D 218 -17.78 -27.74 -19.78
C VAL D 218 -18.90 -28.07 -20.75
N LYS D 228 -21.49 -28.75 -23.23
CA LYS D 228 -22.37 -27.72 -23.78
C LYS D 228 -21.57 -26.54 -24.34
N GLY D 229 -20.58 -26.10 -23.58
CA GLY D 229 -19.83 -24.91 -23.91
C GLY D 229 -20.27 -23.75 -23.05
N LEU D 230 -19.30 -23.09 -22.39
CA LEU D 230 -19.63 -21.93 -21.58
C LEU D 230 -20.36 -20.88 -22.40
N VAL D 231 -19.88 -20.62 -23.61
CA VAL D 231 -20.42 -19.54 -24.43
C VAL D 231 -21.89 -19.78 -24.74
N ALA D 232 -22.24 -21.01 -25.10
CA ALA D 232 -23.64 -21.33 -25.43
C ALA D 232 -24.52 -21.25 -24.19
N LEU D 233 -24.00 -21.67 -23.03
CA LEU D 233 -24.78 -21.61 -21.81
C LEU D 233 -25.14 -20.18 -21.45
N PHE D 234 -24.21 -19.25 -21.64
CA PHE D 234 -24.45 -17.85 -21.32
C PHE D 234 -25.34 -17.16 -22.36
N GLU D 235 -25.20 -17.53 -23.64
CA GLU D 235 -26.03 -16.92 -24.66
C GLU D 235 -27.51 -17.22 -24.40
N GLY D 236 -27.81 -18.45 -23.98
CA GLY D 236 -29.19 -18.79 -23.67
C GLY D 236 -29.73 -18.00 -22.49
N VAL D 237 -28.91 -17.83 -21.45
CA VAL D 237 -29.31 -17.02 -20.31
C VAL D 237 -29.48 -15.57 -20.72
N LEU D 238 -28.48 -15.00 -21.38
CA LEU D 238 -28.53 -13.60 -21.79
C LEU D 238 -29.57 -13.33 -22.88
N SER D 239 -30.25 -14.35 -23.39
CA SER D 239 -31.27 -14.15 -24.40
C SER D 239 -32.64 -13.82 -23.80
N GLN D 240 -32.77 -13.91 -22.48
CA GLN D 240 -34.03 -13.64 -21.82
C GLN D 240 -34.28 -12.14 -21.74
N PRO D 241 -35.55 -11.72 -21.76
CA PRO D 241 -35.84 -10.29 -21.52
C PRO D 241 -35.33 -9.80 -20.18
N ASP D 242 -35.43 -10.63 -19.14
CA ASP D 242 -34.86 -10.33 -17.83
C ASP D 242 -34.03 -11.51 -17.38
N PRO D 243 -32.71 -11.47 -17.58
CA PRO D 243 -31.87 -12.65 -17.30
C PRO D 243 -31.25 -12.63 -15.91
N THR D 244 -31.75 -11.81 -14.99
CA THR D 244 -31.08 -11.61 -13.71
C THR D 244 -31.11 -12.88 -12.86
N GLU D 245 -32.29 -13.49 -12.71
CA GLU D 245 -32.41 -14.70 -11.89
C GLU D 245 -31.51 -15.81 -12.43
N ASP D 246 -31.55 -16.03 -13.74
CA ASP D 246 -30.78 -17.12 -14.33
C ASP D 246 -29.29 -16.82 -14.30
N LEU D 247 -28.92 -15.56 -14.51
CA LEU D 247 -27.51 -15.16 -14.41
C LEU D 247 -26.99 -15.35 -13.00
N ARG D 248 -27.84 -15.14 -12.00
CA ARG D 248 -27.43 -15.42 -10.62
C ARG D 248 -27.09 -16.89 -10.42
N LYS D 249 -27.75 -17.78 -11.16
CA LYS D 249 -27.48 -19.20 -11.02
C LYS D 249 -26.15 -19.59 -11.65
N LEU D 250 -25.68 -18.85 -12.66
CA LEU D 250 -24.41 -19.15 -13.29
C LEU D 250 -23.23 -18.53 -12.58
N VAL D 251 -23.44 -17.54 -11.71
CA VAL D 251 -22.32 -16.96 -10.99
C VAL D 251 -21.71 -18.00 -10.07
N ASP D 252 -20.38 -18.00 -10.02
CA ASP D 252 -19.60 -18.84 -9.11
C ASP D 252 -20.20 -18.85 -7.72
N GLN D 253 -20.64 -20.02 -7.26
CA GLN D 253 -21.23 -20.12 -5.93
C GLN D 253 -20.24 -19.81 -4.83
N ARG D 254 -18.93 -19.96 -5.10
CA ARG D 254 -17.93 -19.59 -4.11
C ARG D 254 -17.91 -18.09 -3.83
N LEU D 255 -18.54 -17.29 -4.68
CA LEU D 255 -18.68 -15.86 -4.39
C LEU D 255 -19.81 -15.58 -3.41
N GLY D 256 -20.83 -16.44 -3.36
CA GLY D 256 -21.98 -16.15 -2.53
C GLY D 256 -22.69 -14.90 -3.02
N ASP D 257 -23.08 -14.04 -2.08
CA ASP D 257 -23.72 -12.77 -2.37
C ASP D 257 -22.75 -11.60 -2.37
N ASN D 258 -21.46 -11.85 -2.58
CA ASN D 258 -20.46 -10.79 -2.56
C ASN D 258 -20.09 -10.39 -3.98
N TYR D 259 -21.03 -9.73 -4.66
CA TYR D 259 -20.76 -9.17 -5.98
C TYR D 259 -21.83 -8.18 -6.39
N PRO D 260 -21.46 -7.09 -7.06
CA PRO D 260 -22.48 -6.19 -7.62
C PRO D 260 -23.20 -6.87 -8.78
N VAL D 261 -24.53 -6.91 -8.70
CA VAL D 261 -25.32 -7.59 -9.72
C VAL D 261 -25.12 -6.94 -11.09
N ASP D 262 -25.04 -5.62 -11.11
CA ASP D 262 -24.90 -4.92 -12.39
C ASP D 262 -23.50 -5.11 -12.97
N SER D 263 -22.48 -5.05 -12.12
CA SER D 263 -21.11 -5.24 -12.60
C SER D 263 -20.94 -6.61 -13.24
N VAL D 264 -21.50 -7.64 -12.62
CA VAL D 264 -21.50 -8.96 -13.24
C VAL D 264 -22.31 -8.95 -14.53
N ARG D 265 -23.39 -8.17 -14.57
CA ARG D 265 -24.21 -8.11 -15.77
C ARG D 265 -23.47 -7.42 -16.91
N LYS D 266 -22.74 -6.35 -16.61
CA LYS D 266 -21.95 -5.70 -17.65
C LYS D 266 -20.85 -6.62 -18.17
N MET D 267 -20.19 -7.36 -17.29
CA MET D 267 -19.14 -8.26 -17.77
C MET D 267 -19.71 -9.34 -18.69
N ALA D 268 -20.90 -9.85 -18.36
CA ALA D 268 -21.48 -10.92 -19.18
C ALA D 268 -21.85 -10.42 -20.56
N GLN D 269 -22.46 -9.23 -20.64
CA GLN D 269 -22.78 -8.65 -21.95
C GLN D 269 -21.51 -8.33 -22.73
N LEU D 270 -20.48 -7.82 -22.05
CA LEU D 270 -19.19 -7.63 -22.71
C LEU D 270 -18.64 -8.94 -23.25
N ALA D 271 -18.65 -9.98 -22.42
CA ALA D 271 -18.16 -11.27 -22.89
C ALA D 271 -19.01 -11.81 -24.04
N LYS D 272 -20.32 -11.53 -24.02
CA LYS D 272 -21.21 -11.96 -25.09
C LYS D 272 -20.86 -11.25 -26.41
N ALA D 273 -20.63 -9.94 -26.34
CA ALA D 273 -20.15 -9.21 -27.51
C ALA D 273 -18.82 -9.77 -28.01
N CYS D 274 -17.93 -10.16 -27.08
CA CYS D 274 -16.63 -10.69 -27.45
C CYS D 274 -16.71 -12.02 -28.16
N THR D 275 -17.75 -12.83 -27.89
CA THR D 275 -17.82 -14.17 -28.46
C THR D 275 -18.88 -14.30 -29.56
N GLN D 276 -19.31 -13.18 -30.16
CA GLN D 276 -20.24 -13.24 -31.29
C GLN D 276 -19.68 -14.09 -32.41
N ASP D 277 -20.58 -14.64 -33.23
CA ASP D 277 -20.17 -15.42 -34.40
C ASP D 277 -19.37 -14.57 -35.37
N ASN D 278 -19.84 -13.36 -35.65
CA ASN D 278 -19.22 -12.48 -36.65
C ASN D 278 -18.02 -11.79 -36.03
N PRO D 279 -16.80 -12.12 -36.46
CA PRO D 279 -15.62 -11.50 -35.86
C PRO D 279 -15.60 -9.98 -36.02
N GLN D 280 -16.21 -9.44 -37.08
CA GLN D 280 -16.18 -8.01 -37.31
C GLN D 280 -17.01 -7.22 -36.30
N LEU D 281 -17.96 -7.87 -35.64
CA LEU D 281 -18.79 -7.21 -34.65
C LEU D 281 -18.24 -7.32 -33.23
N ARG D 282 -17.23 -8.16 -33.01
CA ARG D 282 -16.57 -8.20 -31.72
C ARG D 282 -15.82 -6.89 -31.50
N PRO D 283 -15.74 -6.42 -30.25
CA PRO D 283 -15.00 -5.20 -29.97
C PRO D 283 -13.50 -5.42 -30.04
N SER D 284 -12.78 -4.31 -30.21
CA SER D 284 -11.32 -4.36 -30.11
C SER D 284 -10.90 -4.38 -28.66
N MET D 285 -9.66 -4.83 -28.41
CA MET D 285 -9.15 -4.84 -27.03
C MET D 285 -9.22 -3.44 -26.42
N ARG D 286 -8.96 -2.41 -27.21
CA ARG D 286 -9.04 -1.05 -26.69
C ARG D 286 -10.44 -0.76 -26.14
N SER D 287 -11.48 -1.13 -26.89
CA SER D 287 -12.84 -0.94 -26.40
C SER D 287 -13.15 -1.83 -25.22
N ILE D 288 -12.55 -3.02 -25.17
CA ILE D 288 -12.74 -3.92 -24.03
C ILE D 288 -12.14 -3.32 -22.77
N VAL D 289 -10.96 -2.71 -22.87
CA VAL D 289 -10.36 -2.04 -21.72
C VAL D 289 -11.27 -0.92 -21.22
N VAL D 290 -11.81 -0.11 -22.15
CA VAL D 290 -12.64 1.01 -21.74
C VAL D 290 -13.86 0.53 -20.96
N ALA D 291 -14.45 -0.59 -21.39
CA ALA D 291 -15.62 -1.11 -20.71
C ALA D 291 -15.26 -1.69 -19.33
N LEU D 292 -14.18 -2.45 -19.25
CA LEU D 292 -13.79 -3.05 -17.97
C LEU D 292 -13.46 -1.98 -16.94
N MET D 293 -12.95 -0.82 -17.39
CA MET D 293 -12.70 0.28 -16.48
C MET D 293 -13.97 0.86 -15.91
N THR D 294 -15.14 0.60 -16.51
CA THR D 294 -16.40 1.06 -15.93
C THR D 294 -16.88 0.13 -14.82
N LEU D 295 -16.76 -1.19 -15.02
CA LEU D 295 -17.10 -2.11 -13.94
C LEU D 295 -16.02 -2.14 -12.87
N SER D 296 -14.81 -1.67 -13.19
CA SER D 296 -13.89 -1.25 -12.15
C SER D 296 -14.36 0.09 -11.61
N SER D 297 -14.27 0.26 -10.29
CA SER D 297 -14.76 1.47 -9.62
C SER D 297 -16.25 1.71 -9.93
C1 EDO E . 8.00 -11.58 6.77
O1 EDO E . 9.38 -11.87 6.83
C2 EDO E . 7.44 -11.29 8.14
O2 EDO E . 7.48 -12.40 9.01
C1 EDO F . 16.21 11.90 27.18
O1 EDO F . 16.51 12.67 26.04
C2 EDO F . 14.71 11.80 27.38
O2 EDO F . 14.40 10.70 28.21
C1 EDO G . 1.42 26.24 -36.08
O1 EDO G . 2.70 25.92 -35.58
C2 EDO G . 0.83 25.10 -36.87
O2 EDO G . -0.55 25.35 -37.01
C1 EDO H . 4.61 4.75 -38.85
O1 EDO H . 5.66 5.66 -38.56
C2 EDO H . 5.13 3.54 -39.60
O2 EDO H . 4.03 2.76 -40.06
C1 EDO I . -20.59 16.32 -17.14
O1 EDO I . -20.39 16.82 -18.44
C2 EDO I . -20.92 14.85 -17.22
O2 EDO I . -19.95 14.20 -18.00
C1 EDO J . -14.95 11.86 -17.71
O1 EDO J . -13.89 11.72 -18.64
C2 EDO J . -15.27 10.57 -17.01
O2 EDO J . -14.13 10.00 -16.40
C1 EDO K . 33.69 11.80 -24.24
O1 EDO K . 34.75 11.89 -25.16
C2 EDO K . 33.98 10.73 -23.21
O2 EDO K . 34.22 9.48 -23.83
N1 IMD L . 14.71 14.11 -36.66
C2 IMD L . 14.75 14.37 -35.36
N3 IMD L . 14.93 15.68 -35.24
C4 IMD L . 15.01 16.26 -36.47
C5 IMD L . 14.87 15.26 -37.37
C1 EDO M . 0.72 14.93 -48.46
O1 EDO M . 0.76 16.20 -49.08
C2 EDO M . 0.02 13.91 -49.33
O2 EDO M . -0.36 12.80 -48.55
C1 EDO N . -17.70 -7.57 38.16
O1 EDO N . -17.72 -7.35 36.75
C2 EDO N . -18.94 -7.01 38.79
O2 EDO N . -18.79 -7.10 40.18
C1 EDO O . -5.03 -2.01 51.90
O1 EDO O . -4.61 -1.23 50.81
C2 EDO O . -6.41 -1.59 52.33
O2 EDO O . -6.46 -1.59 53.75
C1 EDO P . -3.65 -6.23 38.91
O1 EDO P . -5.03 -6.30 38.57
C2 EDO P . -3.02 -7.60 38.91
O2 EDO P . -1.77 -7.55 39.58
C1 EDO Q . -6.84 -10.06 32.66
O1 EDO Q . -6.73 -9.73 34.03
C2 EDO Q . -8.28 -10.26 32.22
O2 EDO Q . -8.79 -11.53 32.51
C1 EDO R . -26.17 0.23 30.02
O1 EDO R . -25.88 1.11 28.96
C2 EDO R . -26.99 0.94 31.07
O2 EDO R . -26.19 1.84 31.79
C1 EDO S . -18.47 7.27 19.13
O1 EDO S . -17.45 7.10 20.09
C2 EDO S . -18.85 5.95 18.53
O2 EDO S . -17.94 5.59 17.50
N1 IMD T . -23.43 -13.84 44.74
C2 IMD T . -22.49 -12.95 44.98
N3 IMD T . -23.08 -11.78 45.19
C4 IMD T . -24.44 -11.93 45.08
C5 IMD T . -24.67 -13.24 44.78
C1 EDO U . -11.22 24.06 34.75
O1 EDO U . -11.05 24.19 36.15
C2 EDO U . -12.50 23.34 34.50
O2 EDO U . -12.60 22.84 33.18
C1 EDO V . -25.90 7.69 35.95
O1 EDO V . -25.60 7.57 37.31
C2 EDO V . -27.16 6.94 35.62
O2 EDO V . -27.39 6.98 34.23
C1 EDO W . 6.78 -17.97 -14.42
O1 EDO W . 6.69 -18.08 -15.83
C2 EDO W . 5.97 -19.03 -13.72
O2 EDO W . 5.96 -20.23 -14.47
C1 EDO X . -18.67 -2.93 -25.03
O1 EDO X . -18.98 -3.40 -26.33
C2 EDO X . -19.90 -2.95 -24.15
O2 EDO X . -20.25 -4.27 -23.77
C1 EDO Y . -12.03 -22.56 -15.24
O1 EDO Y . -12.49 -21.25 -14.99
C2 EDO Y . -10.53 -22.60 -15.23
O2 EDO Y . -10.10 -23.75 -15.94
C1 EDO Z . 2.06 -24.42 -26.57
O1 EDO Z . 1.13 -24.63 -25.53
C2 EDO Z . 2.79 -23.12 -26.34
O2 EDO Z . 3.11 -23.00 -24.96
#